data_9U4Y
#
_entry.id   9U4Y
#
_cell.length_a   1.00
_cell.length_b   1.00
_cell.length_c   1.00
_cell.angle_alpha   90.00
_cell.angle_beta   90.00
_cell.angle_gamma   90.00
#
_symmetry.space_group_name_H-M   'P 1'
#
loop_
_entity.id
_entity.type
_entity.pdbx_description
1 polymer 'Guanine nucleotide-binding protein G(I)/G(S)/G(T) subunit beta-1'
2 polymer 'Guanine nucleotide-binding protein G(I)/G(S)/G(O) subunit gamma-2'
3 polymer Gonadoliberin-1
4 polymer 'Guanine nucleotide-binding protein G(q) subunit alpha-1'
5 polymer scFv16
6 polymer 'Beta-2 adrenergic receptor,Gonadotropin-releasing hormone receptor'
#
loop_
_entity_poly.entity_id
_entity_poly.type
_entity_poly.pdbx_seq_one_letter_code
_entity_poly.pdbx_strand_id
1 'polypeptide(L)'
;GSLLQSELDQLRQEAEQLKNQIRDARKACADATLSQITNNIDPVGRIQMRTRRTLRGHLAKIYAMHWGTDSRLLVSASQD
GKLIIWDSYTTNKVHAIPLRSSWVMTCAYAPSGNYVACGGLDNICSIYNLKTREGNVRVSRELAGHTGYLSCCRFLDDNQ
IVTSSGDTTCALWDIETGQQTTTFTGHTGDVMSLSLAPDTRLFVSGACDASAKLWDVREGMCRQTFTGHESDINAICFFP
NGNAFATGSDDATCRLFDLRADQELMTYSHDNIICGITSVSFSKSGRLLLAGYDDFNCNVWDALKADRAGVLAGHDNRVS
CLGVTDDGMAVATGSWDSFLKIWN
;
B
2 'polypeptide(L)' MASNNTASIAQARKLVEQLKMEANIDRIKVSKAAADLMAYCEAHAKEDPLLTPVPASENPFREKKFFCAIL G
3 'polypeptide(L)' (PCA)HWSYGLRPG(NH2) C
4 'polypeptide(L)'
;MGSTVSAEDKAAAERSKMIDKNLREDGEKARRTLRLLLLGADNSGKSTIVKQMRILHGGSGGSGGTSGIFETKFQVDKVN
FHMFDVGGQRDERRKWIQCFNDVTAIIFVVDSSDYNRLQEALNDFKSIWNNRWLRTISVILFLNKQDLLAEKVLAGKSKI
EDYFPEFARYTTPEDATPEPGEDPRVTRAKYFIRKEFVDISTASGDGRHICYPHFTCAVDTENARRIFNDCKDIILQMNL
REYNLV
;
A
5 'polypeptide(L)'
;MLLVNQSHQGFNKEHTSKMVSAIVLYVLLAAAAHSAFAVQLVESGGGLVQPGGSRKLSCSASGFAFSSFGMHWVRQAPEK
GLEWVAYISSGSGTIYYADTVKGRFTISRDDPKNTLFLQMTSLRSEDTAMYYCVRSIYYYGSSPFDFWGQGTTLTVSAGG
GGSGGGGSGGGGSADIVMTQATSSVPVTPGESVSISCRSSKSLLHSNGNTYLYWFLQRPGQSPQLLIYRMSNLASGVPDR
FSGSGSGTAFTLTISRLEAEDVGVYYCMQHLEYPLTFGAGTKLEL
;
S
6 'polypeptide(L)'
;MDSKGSSQKGSRLLLLLVVSNLLLCQGVVSDYKDDDDVHHHHHHHHDMGQPGNGSAFLLAPNGSHAPDHDVTQQRDEENL
YFQGASMLTMSYQGIMDSQDLCALNRSCFHLKEQEKTYGPNITVLNDKAFILPTFSTAAKIRVAITCVLFIFSACFNIAA
LWTITYKYKKKSHIRILIINLVAADLFITLVVMPLDAVWNVTLQWYAGDLACRVLMFLKLAAMYSSAFVTVVISLDRQAA
ILNPLGIGDAKKKNKIMLCVAWFLSYLLAIPQLFVFHTVSRSEPIHFVQCATVGSFQAHWQETIYNMFTFFCLFLLPLLI
MVSCYTRILMEISHKMKATCVSSKEIDLRRSSNNIPRARMRTLKMSLVIVLTFIVCWTPYYLLGIWYWFSPEMLTEEKVP
PSLSHILFLFGLLNTCLDPIIYGLFTIHFRREIRRVCRCAAQGKDHDTASVGTGSFRITTTPAPIKRTVGVLGGSGKFEL
EVTGHGLHSGKCDQCQGRIVESFM
;
R
#
# COMPACT_ATOMS: atom_id res chain seq x y z
N GLU A 7 -7.25 30.17 47.19
CA GLU A 7 -6.02 30.87 46.84
C GLU A 7 -5.57 30.51 45.43
N LEU A 8 -6.52 30.52 44.48
CA LEU A 8 -6.19 30.21 43.10
C LEU A 8 -5.21 31.23 42.53
N ASP A 9 -5.43 32.51 42.82
CA ASP A 9 -4.53 33.54 42.30
C ASP A 9 -3.12 33.38 42.85
N GLN A 10 -3.00 33.00 44.12
CA GLN A 10 -1.68 32.82 44.71
C GLN A 10 -0.92 31.70 44.01
N LEU A 11 -1.59 30.57 43.76
CA LEU A 11 -0.93 29.47 43.05
C LEU A 11 -0.61 29.86 41.61
N ARG A 12 -1.49 30.63 40.97
CA ARG A 12 -1.20 31.10 39.62
C ARG A 12 0.05 31.98 39.60
N GLN A 13 0.17 32.90 40.55
CA GLN A 13 1.36 33.74 40.63
C GLN A 13 2.60 32.93 40.92
N GLU A 14 2.49 31.93 41.80
CA GLU A 14 3.64 31.07 42.08
C GLU A 14 4.08 30.32 40.81
N ALA A 15 3.12 29.81 40.05
CA ALA A 15 3.46 29.12 38.80
C ALA A 15 4.12 30.07 37.82
N GLU A 16 3.60 31.29 37.70
CA GLU A 16 4.20 32.27 36.79
C GLU A 16 5.63 32.60 37.22
N GLN A 17 5.84 32.77 38.52
CA GLN A 17 7.20 33.06 39.02
C GLN A 17 8.14 31.90 38.74
N LEU A 18 7.67 30.67 38.93
CA LEU A 18 8.51 29.52 38.62
C LEU A 18 8.83 29.46 37.13
N LYS A 19 7.86 29.77 36.27
CA LYS A 19 8.12 29.79 34.84
C LYS A 19 9.15 30.85 34.49
N ASN A 20 9.05 32.03 35.09
CA ASN A 20 10.04 33.08 34.86
C ASN A 20 11.41 32.64 35.33
N GLN A 21 11.47 31.95 36.47
CA GLN A 21 12.75 31.45 36.97
C GLN A 21 13.35 30.44 35.99
N ILE A 22 12.52 29.56 35.44
CA ILE A 22 12.99 28.59 34.46
C ILE A 22 13.55 29.30 33.24
N ARG A 23 12.82 30.31 32.75
CA ARG A 23 13.28 31.05 31.59
C ARG A 23 14.59 31.75 31.87
N ASP A 24 14.73 32.34 33.06
CA ASP A 24 15.97 33.03 33.42
C ASP A 24 17.13 32.06 33.48
N ALA A 25 16.92 30.88 34.06
CA ALA A 25 17.99 29.89 34.12
C ALA A 25 18.40 29.43 32.73
N ARG A 26 17.42 29.19 31.86
CA ARG A 26 17.74 28.80 30.49
C ARG A 26 18.52 29.90 29.78
N LYS A 27 18.11 31.15 29.95
CA LYS A 27 18.83 32.26 29.32
C LYS A 27 20.25 32.36 29.84
N ALA A 28 20.44 32.17 31.15
CA ALA A 28 21.78 32.21 31.71
C ALA A 28 22.65 31.10 31.13
N CYS A 29 22.09 29.90 30.98
CA CYS A 29 22.86 28.79 30.43
C CYS A 29 23.24 29.00 28.97
N ALA A 30 22.51 29.84 28.24
CA ALA A 30 22.73 30.04 26.81
C ALA A 30 23.80 31.11 26.62
N ASP A 31 25.06 30.68 26.60
CA ASP A 31 26.17 31.58 26.34
C ASP A 31 26.56 31.64 24.87
N ALA A 32 26.28 30.58 24.12
CA ALA A 32 26.58 30.52 22.70
C ALA A 32 25.44 29.80 21.99
N THR A 33 25.63 29.51 20.71
CA THR A 33 24.66 28.76 19.92
C THR A 33 25.38 27.68 19.15
N LEU A 34 24.64 26.60 18.88
CA LEU A 34 25.25 25.44 18.22
C LEU A 34 25.68 25.77 16.80
N SER A 35 25.02 26.74 16.16
CA SER A 35 25.43 27.16 14.82
C SER A 35 26.82 27.79 14.86
N GLN A 36 27.06 28.67 15.83
CA GLN A 36 28.36 29.33 15.92
C GLN A 36 29.46 28.33 16.25
N ILE A 37 29.19 27.41 17.17
CA ILE A 37 30.22 26.45 17.58
C ILE A 37 30.57 25.52 16.43
N THR A 38 29.59 25.16 15.61
CA THR A 38 29.79 24.24 14.50
C THR A 38 30.09 24.96 13.19
N ASN A 39 30.29 26.27 13.22
CA ASN A 39 30.53 27.02 12.00
C ASN A 39 31.87 26.68 11.35
N ASN A 40 32.74 25.97 12.07
CA ASN A 40 34.05 25.59 11.55
C ASN A 40 34.14 24.11 11.18
N ILE A 41 33.02 23.39 11.17
CA ILE A 41 33.02 21.97 10.84
C ILE A 41 32.60 21.80 9.39
N ASP A 42 33.25 20.87 8.70
CA ASP A 42 33.05 20.74 7.26
C ASP A 42 31.63 20.27 6.96
N PRO A 43 30.97 20.86 5.96
CA PRO A 43 29.63 20.39 5.60
C PRO A 43 29.65 18.97 5.07
N VAL A 44 28.51 18.28 5.25
CA VAL A 44 28.40 16.89 4.83
C VAL A 44 28.23 16.73 3.33
N GLY A 45 28.03 17.82 2.60
CA GLY A 45 27.89 17.73 1.16
C GLY A 45 26.52 17.25 0.73
N ARG A 46 26.42 16.99 -0.57
CA ARG A 46 25.16 16.55 -1.16
C ARG A 46 24.98 15.06 -0.91
N ILE A 47 23.93 14.69 -0.18
CA ILE A 47 23.63 13.31 0.12
C ILE A 47 22.66 12.80 -0.93
N GLN A 48 23.16 11.96 -1.84
CA GLN A 48 22.34 11.35 -2.87
C GLN A 48 21.94 9.95 -2.39
N MET A 49 20.63 9.72 -2.27
CA MET A 49 20.10 8.45 -1.83
C MET A 49 19.13 7.95 -2.90
N ARG A 50 19.19 6.66 -3.19
CA ARG A 50 18.40 6.08 -4.26
C ARG A 50 17.52 4.95 -3.73
N THR A 51 16.32 4.83 -4.28
CA THR A 51 15.42 3.77 -3.87
C THR A 51 15.98 2.43 -4.27
N ARG A 52 16.53 1.69 -3.31
CA ARG A 52 17.10 0.38 -3.58
C ARG A 52 16.04 -0.71 -3.61
N ARG A 53 15.01 -0.61 -2.77
CA ARG A 53 13.92 -1.57 -2.75
C ARG A 53 12.60 -0.82 -2.61
N THR A 54 11.56 -1.36 -3.23
CA THR A 54 10.20 -0.87 -3.08
C THR A 54 9.29 -2.05 -2.73
N LEU A 55 8.52 -1.89 -1.67
CA LEU A 55 7.67 -2.96 -1.14
C LEU A 55 6.23 -2.61 -1.44
N ARG A 56 5.56 -3.47 -2.21
CA ARG A 56 4.32 -3.10 -2.90
C ARG A 56 3.11 -3.93 -2.48
N GLY A 57 3.18 -4.63 -1.35
CA GLY A 57 2.07 -5.49 -0.98
C GLY A 57 0.86 -4.75 -0.47
N HIS A 58 1.05 -3.59 0.15
CA HIS A 58 -0.04 -2.90 0.82
C HIS A 58 -0.98 -2.24 -0.17
N LEU A 59 -2.21 -2.03 0.26
CA LEU A 59 -3.26 -1.43 -0.56
C LEU A 59 -3.70 -0.07 -0.07
N ALA A 60 -3.92 0.08 1.23
CA ALA A 60 -4.32 1.35 1.81
C ALA A 60 -3.08 2.13 2.24
N LYS A 61 -3.30 3.18 3.01
CA LYS A 61 -2.21 4.08 3.41
C LYS A 61 -1.38 3.44 4.52
N ILE A 62 -0.06 3.61 4.42
CA ILE A 62 0.85 3.15 5.48
C ILE A 62 0.86 4.20 6.58
N TYR A 63 0.69 3.76 7.83
CA TYR A 63 0.63 4.69 8.95
C TYR A 63 1.83 4.60 9.88
N ALA A 64 2.53 3.47 9.92
CA ALA A 64 3.72 3.37 10.76
C ALA A 64 4.57 2.21 10.28
N MET A 65 5.85 2.27 10.61
CA MET A 65 6.77 1.16 10.38
C MET A 65 7.82 1.17 11.48
N HIS A 66 8.44 0.01 11.68
CA HIS A 66 9.53 -0.10 12.62
C HIS A 66 10.53 -1.13 12.11
N TRP A 67 11.80 -0.90 12.39
CA TRP A 67 12.85 -1.83 12.05
C TRP A 67 13.09 -2.82 13.18
N GLY A 68 13.43 -4.05 12.82
CA GLY A 68 13.94 -4.98 13.79
C GLY A 68 15.37 -4.65 14.18
N THR A 69 15.78 -5.16 15.33
CA THR A 69 17.14 -4.91 15.79
C THR A 69 18.18 -5.54 14.89
N ASP A 70 17.80 -6.54 14.11
CA ASP A 70 18.71 -7.17 13.16
C ASP A 70 18.97 -6.30 11.93
N SER A 71 18.24 -5.20 11.78
CA SER A 71 18.39 -4.27 10.67
C SER A 71 17.99 -4.89 9.33
N ARG A 72 17.30 -6.01 9.35
CA ARG A 72 16.88 -6.70 8.13
C ARG A 72 15.37 -6.83 8.03
N LEU A 73 14.69 -7.24 9.09
CA LEU A 73 13.25 -7.40 9.06
C LEU A 73 12.57 -6.07 9.37
N LEU A 74 11.36 -5.91 8.86
CA LEU A 74 10.69 -4.62 8.93
C LEU A 74 9.18 -4.81 9.02
N VAL A 75 8.55 -4.19 10.01
CA VAL A 75 7.11 -4.28 10.22
C VAL A 75 6.48 -2.98 9.74
N SER A 76 5.38 -3.11 9.00
CA SER A 76 4.63 -1.96 8.52
C SER A 76 3.14 -2.17 8.76
N ALA A 77 2.44 -1.11 9.15
CA ALA A 77 1.03 -1.15 9.47
C ALA A 77 0.26 -0.27 8.50
N SER A 78 -0.85 -0.80 7.99
CA SER A 78 -1.64 -0.08 6.99
C SER A 78 -3.10 0.02 7.41
N GLN A 79 -3.78 1.01 6.86
CA GLN A 79 -5.18 1.29 7.20
C GLN A 79 -6.12 0.20 6.71
N ASP A 80 -5.69 -0.67 5.80
CA ASP A 80 -6.52 -1.78 5.38
C ASP A 80 -6.46 -2.95 6.34
N GLY A 81 -6.08 -2.72 7.59
CA GLY A 81 -6.11 -3.74 8.61
C GLY A 81 -5.10 -4.84 8.42
N LYS A 82 -3.86 -4.44 8.13
CA LYS A 82 -2.82 -5.41 7.86
C LYS A 82 -1.40 -5.06 8.24
N LEU A 83 -0.79 -5.81 9.15
CA LEU A 83 0.63 -5.66 9.40
C LEU A 83 1.37 -6.57 8.43
N ILE A 84 2.47 -6.09 7.89
CA ILE A 84 3.33 -6.92 7.05
C ILE A 84 4.75 -6.85 7.61
N ILE A 85 5.31 -8.02 7.90
CA ILE A 85 6.71 -8.15 8.28
C ILE A 85 7.45 -8.63 7.05
N TRP A 86 8.32 -7.77 6.52
CA TRP A 86 9.11 -8.01 5.32
C TRP A 86 10.54 -8.34 5.67
N ASP A 87 11.18 -9.07 4.76
CA ASP A 87 12.63 -9.18 4.69
C ASP A 87 13.10 -8.21 3.62
N SER A 88 13.68 -7.09 4.06
CA SER A 88 14.05 -6.03 3.11
C SER A 88 15.08 -6.51 2.10
N TYR A 89 16.06 -7.31 2.54
CA TYR A 89 17.10 -7.76 1.64
C TYR A 89 16.53 -8.44 0.41
N THR A 90 15.43 -9.17 0.58
CA THR A 90 14.85 -9.96 -0.50
C THR A 90 13.43 -9.56 -0.86
N THR A 91 12.91 -8.48 -0.28
CA THR A 91 11.62 -7.88 -0.56
C THR A 91 10.44 -8.83 -0.38
N ASN A 92 10.65 -10.03 0.18
CA ASN A 92 9.58 -11.01 0.29
C ASN A 92 8.98 -10.96 1.69
N LYS A 93 7.67 -11.18 1.76
CA LYS A 93 6.92 -10.99 3.00
C LYS A 93 7.06 -12.20 3.91
N VAL A 94 7.64 -11.96 5.08
CA VAL A 94 7.74 -12.99 6.11
C VAL A 94 6.37 -13.27 6.73
N HIS A 95 5.61 -12.22 7.05
CA HIS A 95 4.31 -12.39 7.67
C HIS A 95 3.33 -11.34 7.21
N ALA A 96 2.05 -11.71 7.20
CA ALA A 96 0.94 -10.78 7.00
C ALA A 96 -0.09 -11.07 8.10
N ILE A 97 -0.22 -10.15 9.04
CA ILE A 97 -1.07 -10.30 10.21
C ILE A 97 -2.36 -9.53 9.96
N PRO A 98 -3.52 -10.17 10.01
CA PRO A 98 -4.81 -9.46 9.89
C PRO A 98 -5.26 -8.96 11.25
N LEU A 99 -5.73 -7.72 11.29
CA LEU A 99 -6.04 -7.05 12.55
C LEU A 99 -7.55 -6.94 12.74
N ARG A 100 -7.95 -6.94 14.02
CA ARG A 100 -9.36 -6.75 14.34
C ARG A 100 -9.85 -5.37 13.91
N SER A 101 -9.05 -4.34 14.14
CA SER A 101 -9.40 -2.97 13.78
C SER A 101 -8.48 -2.52 12.64
N SER A 102 -9.09 -1.95 11.60
CA SER A 102 -8.33 -1.49 10.46
C SER A 102 -7.65 -0.14 10.70
N TRP A 103 -8.03 0.57 11.76
CA TRP A 103 -7.51 1.91 12.02
C TRP A 103 -6.30 1.80 12.95
N VAL A 104 -5.12 1.70 12.34
CA VAL A 104 -3.87 1.54 13.06
C VAL A 104 -3.03 2.78 12.83
N MET A 105 -2.56 3.37 13.94
CA MET A 105 -1.70 4.55 13.88
C MET A 105 -0.28 4.27 14.33
N THR A 106 0.02 3.07 14.79
CA THR A 106 1.33 2.77 15.34
C THR A 106 1.68 1.31 15.13
N CYS A 107 2.97 1.03 15.14
CA CYS A 107 3.48 -0.34 15.11
C CYS A 107 4.89 -0.34 15.66
N ALA A 108 5.22 -1.37 16.42
CA ALA A 108 6.52 -1.51 17.03
C ALA A 108 7.00 -2.95 16.90
N TYR A 109 8.32 -3.11 16.83
CA TYR A 109 8.96 -4.42 16.72
C TYR A 109 9.74 -4.68 18.00
N ALA A 110 9.54 -5.84 18.60
CA ALA A 110 10.22 -6.15 19.83
C ALA A 110 11.73 -6.16 19.59
N PRO A 111 12.53 -5.67 20.54
CA PRO A 111 13.99 -5.75 20.35
C PRO A 111 14.48 -7.17 20.15
N SER A 112 13.87 -8.14 20.83
CA SER A 112 14.23 -9.54 20.65
C SER A 112 13.67 -10.13 19.36
N GLY A 113 12.69 -9.48 18.77
CA GLY A 113 12.09 -9.97 17.54
C GLY A 113 10.98 -10.98 17.73
N ASN A 114 10.66 -11.36 18.96
CA ASN A 114 9.62 -12.34 19.17
C ASN A 114 8.23 -11.76 18.92
N TYR A 115 7.97 -10.56 19.43
CA TYR A 115 6.63 -9.98 19.40
C TYR A 115 6.60 -8.75 18.51
N VAL A 116 5.38 -8.31 18.20
CA VAL A 116 5.15 -7.06 17.48
C VAL A 116 3.84 -6.46 17.98
N ALA A 117 3.84 -5.15 18.22
CA ALA A 117 2.69 -4.46 18.77
C ALA A 117 2.06 -3.55 17.74
N CYS A 118 0.76 -3.33 17.88
CA CYS A 118 0.05 -2.36 17.04
C CYS A 118 -1.09 -1.76 17.84
N GLY A 119 -1.66 -0.68 17.31
CA GLY A 119 -2.79 -0.04 17.95
C GLY A 119 -3.26 1.15 17.15
N GLY A 120 -4.39 1.69 17.58
CA GLY A 120 -4.96 2.85 16.91
C GLY A 120 -6.25 3.33 17.54
N LEU A 121 -7.25 3.66 16.71
CA LEU A 121 -8.49 4.22 17.23
C LEU A 121 -9.27 3.25 18.10
N ASP A 122 -8.91 1.96 18.10
CA ASP A 122 -9.56 1.01 18.98
C ASP A 122 -9.23 1.23 20.45
N ASN A 123 -8.26 2.08 20.76
CA ASN A 123 -7.83 2.37 22.12
C ASN A 123 -7.23 1.14 22.80
N ILE A 124 -6.75 0.17 22.03
CA ILE A 124 -6.18 -1.05 22.53
C ILE A 124 -4.83 -1.26 21.87
N CYS A 125 -3.86 -1.73 22.63
CA CYS A 125 -2.56 -2.11 22.10
C CYS A 125 -2.48 -3.63 22.03
N SER A 126 -2.42 -4.16 20.83
CA SER A 126 -2.41 -5.60 20.59
C SER A 126 -0.97 -6.06 20.39
N ILE A 127 -0.52 -6.98 21.24
CA ILE A 127 0.79 -7.59 21.15
C ILE A 127 0.62 -8.96 20.53
N TYR A 128 1.32 -9.19 19.42
CA TYR A 128 1.23 -10.39 18.62
C TYR A 128 2.52 -11.19 18.78
N ASN A 129 2.38 -12.51 18.94
CA ASN A 129 3.49 -13.42 19.08
C ASN A 129 3.85 -14.01 17.71
N LEU A 130 5.12 -13.96 17.36
CA LEU A 130 5.57 -14.46 16.07
C LEU A 130 6.15 -15.86 16.15
N LYS A 131 6.77 -16.22 17.27
CA LYS A 131 7.42 -17.51 17.43
C LYS A 131 6.47 -18.51 18.09
N THR A 132 5.36 -18.76 17.40
CA THR A 132 4.37 -19.73 17.88
C THR A 132 4.72 -21.12 17.37
N ARG A 133 4.53 -22.12 18.26
CA ARG A 133 4.73 -23.50 17.85
C ARG A 133 3.67 -23.94 16.84
N GLU A 134 2.56 -23.20 16.75
CA GLU A 134 1.51 -23.53 15.79
C GLU A 134 1.83 -23.03 14.39
N GLY A 135 2.77 -22.09 14.25
CA GLY A 135 3.15 -21.60 12.95
C GLY A 135 2.34 -20.42 12.45
N ASN A 136 1.49 -19.83 13.29
CA ASN A 136 0.70 -18.67 12.90
C ASN A 136 0.83 -17.59 13.97
N VAL A 137 0.79 -16.34 13.54
CA VAL A 137 0.89 -15.22 14.47
C VAL A 137 -0.42 -15.08 15.23
N ARG A 138 -0.34 -15.20 16.55
CA ARG A 138 -1.50 -15.08 17.43
C ARG A 138 -1.42 -13.78 18.20
N VAL A 139 -2.55 -13.34 18.73
CA VAL A 139 -2.60 -12.13 19.56
C VAL A 139 -2.21 -12.55 20.97
N SER A 140 -0.95 -12.31 21.35
CA SER A 140 -0.52 -12.66 22.70
C SER A 140 -1.33 -11.91 23.74
N ARG A 141 -1.61 -10.64 23.50
CA ARG A 141 -2.41 -9.90 24.48
C ARG A 141 -3.03 -8.66 23.85
N GLU A 142 -4.05 -8.15 24.52
CA GLU A 142 -4.64 -6.85 24.23
C GLU A 142 -4.63 -6.02 25.49
N LEU A 143 -4.06 -4.82 25.41
CA LEU A 143 -3.97 -3.90 26.53
C LEU A 143 -5.03 -2.82 26.32
N ALA A 144 -5.93 -2.67 27.29
CA ALA A 144 -7.21 -1.98 27.10
C ALA A 144 -7.48 -1.00 28.25
N GLY A 145 -6.48 -0.20 28.60
CA GLY A 145 -6.63 0.73 29.69
C GLY A 145 -6.72 2.18 29.26
N HIS A 146 -6.46 2.45 27.99
CA HIS A 146 -6.47 3.82 27.49
C HIS A 146 -7.88 4.25 27.12
N THR A 147 -8.14 5.55 27.25
CA THR A 147 -9.42 6.15 26.89
C THR A 147 -9.25 7.11 25.72
N GLY A 148 -8.36 6.75 24.80
CA GLY A 148 -8.10 7.58 23.63
C GLY A 148 -7.31 6.79 22.62
N TYR A 149 -7.20 7.36 21.42
CA TYR A 149 -6.55 6.65 20.33
C TYR A 149 -5.07 6.45 20.63
N LEU A 150 -4.54 5.33 20.15
CA LEU A 150 -3.16 4.95 20.41
C LEU A 150 -2.27 5.57 19.34
N SER A 151 -1.43 6.53 19.73
CA SER A 151 -0.61 7.24 18.77
C SER A 151 0.74 6.58 18.54
N CYS A 152 1.35 6.02 19.58
CA CYS A 152 2.65 5.38 19.44
C CYS A 152 2.80 4.33 20.54
N CYS A 153 3.71 3.39 20.28
CA CYS A 153 4.04 2.35 21.26
C CYS A 153 5.45 1.86 20.96
N ARG A 154 6.18 1.52 22.02
CA ARG A 154 7.57 1.13 21.89
C ARG A 154 7.91 0.09 22.96
N PHE A 155 8.50 -1.02 22.53
CA PHE A 155 8.90 -2.07 23.46
C PHE A 155 10.12 -1.65 24.25
N LEU A 156 10.10 -1.92 25.55
CA LEU A 156 11.29 -1.85 26.38
C LEU A 156 11.99 -3.20 26.42
N ASP A 157 11.23 -4.25 26.68
CA ASP A 157 11.70 -5.62 26.55
C ASP A 157 10.49 -6.46 26.16
N ASP A 158 10.61 -7.78 26.27
CA ASP A 158 9.50 -8.66 25.89
C ASP A 158 8.32 -8.57 26.84
N ASN A 159 8.49 -7.96 28.01
CA ASN A 159 7.45 -7.93 29.03
C ASN A 159 7.01 -6.53 29.43
N GLN A 160 7.56 -5.49 28.82
CA GLN A 160 7.18 -4.11 29.11
C GLN A 160 7.00 -3.37 27.80
N ILE A 161 5.95 -2.56 27.73
CA ILE A 161 5.66 -1.74 26.55
C ILE A 161 5.19 -0.37 27.01
N VAL A 162 5.71 0.68 26.40
CA VAL A 162 5.30 2.05 26.67
C VAL A 162 4.36 2.49 25.56
N THR A 163 3.31 3.21 25.92
CA THR A 163 2.26 3.60 25.01
C THR A 163 1.91 5.06 25.21
N SER A 164 1.55 5.73 24.11
CA SER A 164 1.08 7.10 24.13
C SER A 164 -0.31 7.16 23.50
N SER A 165 -1.18 7.98 24.09
CA SER A 165 -2.56 8.05 23.65
C SER A 165 -3.02 9.50 23.58
N GLY A 166 -4.05 9.73 22.77
CA GLY A 166 -4.72 11.01 22.77
C GLY A 166 -5.48 11.32 24.03
N ASP A 167 -5.53 10.37 24.96
CA ASP A 167 -6.05 10.59 26.29
C ASP A 167 -5.28 11.66 27.05
N THR A 168 -4.19 12.17 26.49
CA THR A 168 -3.27 13.11 27.13
C THR A 168 -2.42 12.42 28.19
N THR A 169 -2.24 11.11 28.08
CA THR A 169 -1.45 10.35 29.04
C THR A 169 -0.65 9.29 28.29
N CYS A 170 0.47 8.90 28.90
CA CYS A 170 1.25 7.76 28.45
C CYS A 170 1.22 6.70 29.54
N ALA A 171 1.61 5.48 29.18
CA ALA A 171 1.53 4.36 30.10
C ALA A 171 2.72 3.43 29.90
N LEU A 172 3.16 2.83 31.00
CA LEU A 172 4.09 1.71 30.98
C LEU A 172 3.33 0.48 31.45
N TRP A 173 3.29 -0.54 30.60
CA TRP A 173 2.47 -1.72 30.81
C TRP A 173 3.33 -2.90 31.23
N ASP A 174 2.65 -3.97 31.64
CA ASP A 174 3.26 -5.25 31.95
C ASP A 174 2.48 -6.29 31.15
N ILE A 175 3.10 -6.84 30.11
CA ILE A 175 2.34 -7.65 29.15
C ILE A 175 1.81 -8.91 29.81
N GLU A 176 2.58 -9.55 30.67
CA GLU A 176 2.12 -10.80 31.28
C GLU A 176 0.82 -10.59 32.03
N THR A 177 0.74 -9.52 32.84
CA THR A 177 -0.45 -9.26 33.64
C THR A 177 -1.45 -8.33 32.96
N GLY A 178 -1.09 -7.73 31.84
CA GLY A 178 -1.98 -6.83 31.14
C GLY A 178 -2.44 -5.64 31.95
N GLN A 179 -1.54 -5.03 32.72
CA GLN A 179 -1.88 -3.93 33.60
C GLN A 179 -0.95 -2.75 33.37
N GLN A 180 -1.47 -1.55 33.62
CA GLN A 180 -0.69 -0.33 33.57
C GLN A 180 0.21 -0.26 34.80
N THR A 181 1.47 -0.65 34.65
CA THR A 181 2.40 -0.54 35.77
C THR A 181 2.58 0.92 36.19
N THR A 182 2.68 1.82 35.22
CA THR A 182 2.84 3.24 35.52
C THR A 182 2.05 4.07 34.52
N THR A 183 1.67 5.27 34.94
CA THR A 183 0.94 6.20 34.09
C THR A 183 1.58 7.59 34.22
N PHE A 184 1.82 8.22 33.08
CA PHE A 184 2.42 9.53 32.98
C PHE A 184 1.34 10.51 32.51
N THR A 185 1.02 11.50 33.34
CA THR A 185 -0.20 12.28 33.21
C THR A 185 0.09 13.77 33.34
N GLY A 186 1.11 14.25 32.63
CA GLY A 186 1.45 15.66 32.70
C GLY A 186 0.91 16.48 31.55
N HIS A 187 0.90 15.90 30.36
CA HIS A 187 0.54 16.64 29.16
C HIS A 187 -0.87 17.22 29.27
N THR A 188 -1.13 18.24 28.47
CA THR A 188 -2.43 18.88 28.36
C THR A 188 -2.92 18.84 26.92
N GLY A 189 -2.75 17.69 26.27
CA GLY A 189 -3.14 17.54 24.88
C GLY A 189 -2.78 16.16 24.40
N ASP A 190 -3.21 15.86 23.19
CA ASP A 190 -3.01 14.53 22.64
C ASP A 190 -1.53 14.26 22.43
N VAL A 191 -1.03 13.20 23.06
CA VAL A 191 0.35 12.79 22.89
C VAL A 191 0.47 12.07 21.55
N MET A 192 1.27 12.63 20.65
CA MET A 192 1.34 12.15 19.29
C MET A 192 2.53 11.23 19.03
N SER A 193 3.65 11.41 19.72
CA SER A 193 4.78 10.52 19.48
C SER A 193 5.58 10.37 20.76
N LEU A 194 6.36 9.28 20.83
CA LEU A 194 7.34 9.12 21.87
C LEU A 194 8.54 8.37 21.34
N SER A 195 9.69 8.63 21.94
CA SER A 195 10.94 7.97 21.60
C SER A 195 11.59 7.43 22.86
N LEU A 196 12.14 6.23 22.75
CA LEU A 196 12.68 5.49 23.89
C LEU A 196 14.19 5.65 23.91
N ALA A 197 14.73 5.99 25.09
CA ALA A 197 16.14 6.26 25.19
C ALA A 197 16.95 5.00 24.88
N PRO A 198 18.18 5.15 24.39
CA PRO A 198 19.00 3.95 24.13
C PRO A 198 19.19 3.08 25.36
N ASP A 199 19.28 3.68 26.54
CA ASP A 199 19.41 2.92 27.77
C ASP A 199 18.07 2.45 28.33
N THR A 200 16.96 2.95 27.80
CA THR A 200 15.59 2.58 28.18
C THR A 200 15.20 3.12 29.55
N ARG A 201 16.11 3.80 30.25
CA ARG A 201 15.78 4.38 31.54
C ARG A 201 14.75 5.49 31.39
N LEU A 202 14.88 6.33 30.38
CA LEU A 202 14.03 7.50 30.16
C LEU A 202 13.33 7.37 28.81
N PHE A 203 12.42 8.31 28.54
CA PHE A 203 11.83 8.41 27.21
C PHE A 203 11.13 9.75 27.07
N VAL A 204 11.08 10.25 25.84
CA VAL A 204 10.52 11.57 25.56
C VAL A 204 9.20 11.39 24.81
N SER A 205 8.30 12.35 25.02
CA SER A 205 6.98 12.32 24.41
C SER A 205 6.61 13.70 23.93
N GLY A 206 6.15 13.78 22.68
CA GLY A 206 5.68 15.02 22.09
C GLY A 206 4.21 14.98 21.78
N ALA A 207 3.49 16.02 22.20
CA ALA A 207 2.04 16.09 22.14
C ALA A 207 1.59 17.32 21.36
N CYS A 208 0.27 17.51 21.34
CA CYS A 208 -0.34 18.59 20.57
C CYS A 208 -0.43 19.90 21.34
N ASP A 209 0.05 19.94 22.59
CA ASP A 209 0.14 21.19 23.32
C ASP A 209 1.41 21.95 22.98
N ALA A 210 2.05 21.65 21.85
CA ALA A 210 3.28 22.31 21.45
C ALA A 210 4.35 22.19 22.52
N SER A 211 4.46 21.01 23.12
CA SER A 211 5.44 20.76 24.15
C SER A 211 5.86 19.30 24.12
N ALA A 212 7.11 19.06 24.49
CA ALA A 212 7.64 17.72 24.69
C ALA A 212 8.03 17.58 26.14
N LYS A 213 8.01 16.34 26.63
CA LYS A 213 8.30 16.06 28.02
C LYS A 213 9.16 14.83 28.15
N LEU A 214 10.11 14.88 29.08
CA LEU A 214 11.01 13.79 29.39
C LEU A 214 10.47 13.04 30.60
N TRP A 215 10.48 11.72 30.54
CA TRP A 215 9.87 10.87 31.54
C TRP A 215 10.84 9.82 32.02
N ASP A 216 10.83 9.60 33.33
CA ASP A 216 11.53 8.50 33.97
C ASP A 216 10.61 7.29 34.00
N VAL A 217 11.05 6.18 33.40
CA VAL A 217 10.18 5.01 33.26
C VAL A 217 9.84 4.45 34.63
N ARG A 218 10.84 4.34 35.51
CA ARG A 218 10.64 3.68 36.79
C ARG A 218 10.16 4.64 37.88
N GLU A 219 10.60 5.89 37.86
CA GLU A 219 10.12 6.85 38.85
C GLU A 219 8.68 7.24 38.56
N GLY A 220 8.36 7.53 37.30
CA GLY A 220 7.00 7.87 36.91
C GLY A 220 6.68 9.34 36.91
N MET A 221 7.68 10.21 36.85
CA MET A 221 7.47 11.65 36.95
C MET A 221 8.15 12.37 35.79
N CYS A 222 7.57 13.51 35.41
CA CYS A 222 8.19 14.35 34.40
C CYS A 222 9.44 15.02 34.97
N ARG A 223 10.51 15.01 34.16
CA ARG A 223 11.77 15.64 34.53
C ARG A 223 11.89 17.04 33.94
N GLN A 224 11.75 17.16 32.62
CA GLN A 224 11.88 18.43 31.94
C GLN A 224 10.76 18.59 30.93
N THR A 225 10.40 19.84 30.65
CA THR A 225 9.39 20.17 29.65
C THR A 225 9.98 21.20 28.69
N PHE A 226 9.97 20.87 27.40
CA PHE A 226 10.54 21.71 26.36
C PHE A 226 9.42 22.34 25.55
N THR A 227 9.44 23.66 25.41
CA THR A 227 8.29 24.45 25.02
C THR A 227 8.64 25.45 23.92
N GLY A 228 9.31 24.98 22.87
CA GLY A 228 9.73 25.88 21.81
C GLY A 228 8.76 25.99 20.65
N HIS A 229 8.08 24.89 20.31
CA HIS A 229 7.31 24.84 19.08
C HIS A 229 6.13 25.79 19.13
N GLU A 230 5.50 25.98 17.97
CA GLU A 230 4.32 26.84 17.82
C GLU A 230 3.07 26.05 17.46
N SER A 231 3.15 24.74 17.31
CA SER A 231 2.00 23.92 16.97
C SER A 231 2.27 22.50 17.43
N ASP A 232 1.46 21.56 16.94
CA ASP A 232 1.55 20.18 17.40
C ASP A 232 2.90 19.58 17.06
N ILE A 233 3.35 18.67 17.91
CA ILE A 233 4.60 17.94 17.70
C ILE A 233 4.20 16.54 17.22
N ASN A 234 4.28 16.32 15.91
CA ASN A 234 3.90 15.03 15.36
C ASN A 234 4.95 13.95 15.63
N ALA A 235 6.23 14.28 15.49
CA ALA A 235 7.28 13.27 15.54
C ALA A 235 8.32 13.63 16.60
N ILE A 236 8.92 12.61 17.20
CA ILE A 236 9.98 12.78 18.18
C ILE A 236 10.97 11.64 18.00
N CYS A 237 12.26 11.95 18.09
CA CYS A 237 13.30 10.94 18.01
C CYS A 237 14.44 11.33 18.94
N PHE A 238 15.17 10.32 19.39
CA PHE A 238 16.32 10.53 20.26
C PHE A 238 17.62 10.59 19.47
N PHE A 239 18.49 11.49 19.87
CA PHE A 239 19.86 11.46 19.38
C PHE A 239 20.52 10.16 19.84
N PRO A 240 21.45 9.61 19.06
CA PRO A 240 21.98 8.28 19.39
C PRO A 240 22.59 8.17 20.77
N ASN A 241 23.01 9.27 21.38
CA ASN A 241 23.72 9.20 22.66
C ASN A 241 22.82 9.51 23.86
N GLY A 242 21.53 9.77 23.64
CA GLY A 242 20.61 9.95 24.74
C GLY A 242 20.69 11.27 25.45
N ASN A 243 21.44 12.24 24.91
CA ASN A 243 21.57 13.56 25.51
C ASN A 243 20.89 14.64 24.70
N ALA A 244 20.16 14.26 23.65
CA ALA A 244 19.42 15.23 22.85
C ALA A 244 18.29 14.50 22.15
N PHE A 245 17.36 15.27 21.60
CA PHE A 245 16.27 14.71 20.81
C PHE A 245 15.75 15.75 19.84
N ALA A 246 15.22 15.27 18.73
CA ALA A 246 14.71 16.10 17.65
C ALA A 246 13.20 15.93 17.53
N THR A 247 12.51 17.06 17.41
CA THR A 247 11.06 17.11 17.35
C THR A 247 10.62 17.71 16.03
N GLY A 248 9.57 17.13 15.44
CA GLY A 248 9.00 17.61 14.21
C GLY A 248 7.54 17.96 14.38
N SER A 249 7.19 19.19 14.01
CA SER A 249 5.89 19.78 14.33
C SER A 249 5.15 20.18 13.06
N ASP A 250 3.86 20.43 13.21
CA ASP A 250 3.02 20.84 12.08
C ASP A 250 3.45 22.19 11.50
N ASP A 251 4.16 23.02 12.25
CA ASP A 251 4.52 24.34 11.76
C ASP A 251 5.80 24.29 10.92
N ALA A 252 5.88 23.32 10.01
CA ALA A 252 6.98 23.22 9.06
C ALA A 252 8.32 23.57 9.70
N THR A 253 8.59 22.96 10.85
CA THR A 253 9.82 23.22 11.57
C THR A 253 10.18 22.03 12.44
N CYS A 254 11.44 21.62 12.37
CA CYS A 254 12.02 20.69 13.33
C CYS A 254 12.89 21.47 14.31
N ARG A 255 13.15 20.85 15.45
CA ARG A 255 13.96 21.48 16.48
C ARG A 255 14.77 20.42 17.21
N LEU A 256 15.87 20.86 17.79
CA LEU A 256 16.77 20.01 18.57
C LEU A 256 16.77 20.51 20.01
N PHE A 257 16.66 19.60 20.96
CA PHE A 257 16.70 19.94 22.38
C PHE A 257 17.73 19.06 23.06
N ASP A 258 18.52 19.61 23.96
CA ASP A 258 19.50 18.84 24.71
C ASP A 258 19.07 18.83 26.18
N LEU A 259 19.01 17.62 26.75
CA LEU A 259 18.45 17.45 28.09
C LEU A 259 19.26 18.20 29.13
N ARG A 260 20.58 18.01 29.13
CA ARG A 260 21.42 18.60 30.18
C ARG A 260 21.34 20.12 30.15
N ALA A 261 21.43 20.73 28.97
CA ALA A 261 21.25 22.17 28.88
C ALA A 261 19.81 22.57 29.12
N ASP A 262 18.87 21.66 28.88
CA ASP A 262 17.44 21.92 29.06
C ASP A 262 17.01 23.13 28.24
N GLN A 263 17.30 23.08 26.95
CA GLN A 263 17.06 24.22 26.07
C GLN A 263 17.02 23.74 24.62
N GLU A 264 16.55 24.62 23.75
CA GLU A 264 16.56 24.38 22.32
C GLU A 264 17.88 24.85 21.71
N LEU A 265 18.44 24.03 20.84
CA LEU A 265 19.75 24.30 20.24
C LEU A 265 19.64 24.85 18.83
N MET A 266 19.00 24.12 17.91
CA MET A 266 18.90 24.56 16.54
C MET A 266 17.52 24.29 15.97
N THR A 267 17.13 25.11 15.00
CA THR A 267 15.87 24.99 14.27
C THR A 267 16.17 24.65 12.82
N TYR A 268 15.51 23.61 12.31
CA TYR A 268 15.69 23.17 10.94
C TYR A 268 14.45 23.55 10.15
N SER A 269 14.47 24.75 9.57
CA SER A 269 13.34 25.28 8.84
C SER A 269 13.82 25.99 7.58
N HIS A 270 12.98 26.00 6.55
CA HIS A 270 13.24 26.75 5.33
C HIS A 270 11.94 27.39 4.86
N ASP A 271 12.08 28.51 4.15
CA ASP A 271 10.90 29.26 3.73
C ASP A 271 10.09 28.51 2.67
N ASN A 272 10.76 27.72 1.83
CA ASN A 272 10.06 26.95 0.81
C ASN A 272 9.27 25.79 1.39
N ILE A 273 9.43 25.49 2.67
CA ILE A 273 8.70 24.41 3.33
C ILE A 273 7.62 25.06 4.20
N ILE A 274 6.36 24.79 3.87
CA ILE A 274 5.24 25.34 4.60
C ILE A 274 4.31 24.20 5.01
N CYS A 275 4.84 22.98 5.00
CA CYS A 275 4.08 21.78 5.35
C CYS A 275 4.71 21.13 6.57
N GLY A 276 3.87 20.52 7.39
CA GLY A 276 4.33 20.00 8.66
C GLY A 276 5.17 18.74 8.51
N ILE A 277 5.91 18.45 9.56
CA ILE A 277 6.77 17.27 9.61
C ILE A 277 5.96 16.11 10.18
N THR A 278 5.95 15.00 9.45
CA THR A 278 5.23 13.81 9.86
C THR A 278 6.11 12.88 10.71
N SER A 279 7.35 12.65 10.28
CA SER A 279 8.24 11.72 10.95
C SER A 279 9.62 12.34 11.06
N VAL A 280 10.35 11.93 12.10
CA VAL A 280 11.71 12.37 12.34
C VAL A 280 12.55 11.17 12.72
N SER A 281 13.77 11.11 12.20
CA SER A 281 14.69 10.02 12.48
C SER A 281 16.12 10.54 12.35
N PHE A 282 17.03 9.97 13.12
CA PHE A 282 18.44 10.32 13.07
C PHE A 282 19.23 9.21 12.37
N SER A 283 20.41 9.57 11.89
CA SER A 283 21.34 8.59 11.38
C SER A 283 22.17 8.00 12.51
N LYS A 284 22.96 6.98 12.20
CA LYS A 284 23.70 6.29 13.23
C LYS A 284 24.67 7.23 13.94
N SER A 285 25.37 8.07 13.18
CA SER A 285 26.29 9.03 13.79
C SER A 285 25.58 10.20 14.44
N GLY A 286 24.35 10.50 14.02
CA GLY A 286 23.66 11.69 14.45
C GLY A 286 23.92 12.91 13.60
N ARG A 287 24.70 12.77 12.52
CA ARG A 287 25.01 13.92 11.68
C ARG A 287 23.92 14.19 10.65
N LEU A 288 23.00 13.25 10.45
CA LEU A 288 21.89 13.42 9.52
C LEU A 288 20.58 13.32 10.27
N LEU A 289 19.69 14.26 10.02
CA LEU A 289 18.34 14.30 10.60
C LEU A 289 17.38 14.18 9.43
N LEU A 290 16.83 12.98 9.24
CA LEU A 290 15.87 12.75 8.17
C LEU A 290 14.46 13.05 8.68
N ALA A 291 13.75 13.90 7.97
CA ALA A 291 12.41 14.31 8.35
C ALA A 291 11.46 14.17 7.18
N GLY A 292 10.40 13.41 7.36
CA GLY A 292 9.34 13.29 6.37
C GLY A 292 8.39 14.46 6.49
N TYR A 293 7.88 14.91 5.35
CA TYR A 293 7.02 16.08 5.27
C TYR A 293 5.71 15.73 4.59
N ASP A 294 4.72 16.59 4.79
CA ASP A 294 3.43 16.43 4.13
C ASP A 294 3.49 16.75 2.65
N ASP A 295 4.58 17.34 2.17
CA ASP A 295 4.72 17.63 0.75
C ASP A 295 5.28 16.43 -0.01
N PHE A 296 4.71 15.25 0.26
CA PHE A 296 4.99 14.05 -0.51
C PHE A 296 6.47 13.72 -0.63
N ASN A 297 7.31 14.31 0.21
CA ASN A 297 8.74 14.10 0.08
C ASN A 297 9.43 14.30 1.42
N CYS A 298 10.64 13.74 1.54
CA CYS A 298 11.41 13.75 2.77
C CYS A 298 12.68 14.56 2.58
N ASN A 299 13.17 15.16 3.66
CA ASN A 299 14.36 15.98 3.64
C ASN A 299 15.42 15.36 4.56
N VAL A 300 16.68 15.62 4.24
CA VAL A 300 17.81 15.16 5.03
C VAL A 300 18.61 16.39 5.43
N TRP A 301 18.73 16.61 6.74
CA TRP A 301 19.29 17.83 7.31
C TRP A 301 20.64 17.52 7.95
N ASP A 302 21.55 18.48 7.84
CA ASP A 302 22.79 18.46 8.60
C ASP A 302 22.44 18.80 10.05
N ALA A 303 22.52 17.80 10.93
CA ALA A 303 22.08 18.00 12.31
C ALA A 303 22.88 19.10 13.01
N LEU A 304 24.10 19.37 12.54
CA LEU A 304 24.97 20.32 13.23
C LEU A 304 24.98 21.70 12.58
N LYS A 305 24.78 21.78 11.27
CA LYS A 305 24.84 23.07 10.57
C LYS A 305 23.48 23.60 10.14
N ALA A 306 22.41 22.81 10.27
CA ALA A 306 21.03 23.19 9.95
C ALA A 306 20.77 23.30 8.45
N ASP A 307 21.79 23.14 7.61
CA ASP A 307 21.60 23.21 6.17
C ASP A 307 20.96 21.93 5.65
N ARG A 308 20.14 22.08 4.62
CA ARG A 308 19.50 20.91 4.01
C ARG A 308 20.50 20.19 3.11
N ALA A 309 20.87 18.99 3.50
CA ALA A 309 21.87 18.21 2.77
C ALA A 309 21.28 17.36 1.65
N GLY A 310 20.00 17.00 1.72
CA GLY A 310 19.48 16.16 0.65
C GLY A 310 17.98 16.06 0.68
N VAL A 311 17.44 15.41 -0.35
CA VAL A 311 16.01 15.22 -0.50
C VAL A 311 15.75 13.81 -1.02
N LEU A 312 14.75 13.15 -0.44
CA LEU A 312 14.24 11.87 -0.91
C LEU A 312 12.86 12.14 -1.50
N ALA A 313 12.71 11.88 -2.80
CA ALA A 313 11.55 12.36 -3.53
C ALA A 313 10.89 11.27 -4.37
N GLY A 314 10.66 10.10 -3.81
CA GLY A 314 10.08 9.01 -4.56
C GLY A 314 8.60 8.77 -4.30
N HIS A 315 8.05 9.43 -3.29
CA HIS A 315 6.68 9.19 -2.87
C HIS A 315 5.74 10.21 -3.47
N ASP A 316 4.56 9.75 -3.89
CA ASP A 316 3.54 10.62 -4.45
C ASP A 316 2.39 10.89 -3.48
N ASN A 317 2.64 10.72 -2.18
CA ASN A 317 1.68 11.09 -1.16
C ASN A 317 2.43 11.32 0.15
N ARG A 318 1.68 11.63 1.20
CA ARG A 318 2.27 12.01 2.47
C ARG A 318 3.26 10.96 2.96
N VAL A 319 4.43 11.40 3.38
CA VAL A 319 5.42 10.49 3.97
C VAL A 319 4.98 10.23 5.41
N SER A 320 4.27 9.12 5.61
CA SER A 320 3.66 8.84 6.90
C SER A 320 4.66 8.41 7.95
N CYS A 321 5.70 7.67 7.58
CA CYS A 321 6.61 7.10 8.56
C CYS A 321 8.01 7.04 7.97
N LEU A 322 9.01 7.05 8.87
CA LEU A 322 10.40 7.12 8.48
C LEU A 322 11.24 6.48 9.58
N GLY A 323 12.13 5.57 9.19
CA GLY A 323 12.97 4.87 10.14
C GLY A 323 14.35 4.63 9.57
N VAL A 324 15.31 4.44 10.47
CA VAL A 324 16.70 4.20 10.12
C VAL A 324 17.19 2.98 10.89
N THR A 325 17.91 2.11 10.19
CA THR A 325 18.35 0.85 10.77
C THR A 325 19.33 1.09 11.91
N ASP A 326 19.47 0.08 12.76
CA ASP A 326 20.40 0.18 13.88
C ASP A 326 21.85 0.21 13.41
N ASP A 327 22.12 -0.34 12.22
CA ASP A 327 23.44 -0.28 11.62
C ASP A 327 23.58 0.87 10.64
N GLY A 328 22.57 1.73 10.53
CA GLY A 328 22.67 2.92 9.70
C GLY A 328 22.78 2.63 8.23
N MET A 329 22.49 1.41 7.80
CA MET A 329 22.70 1.03 6.41
C MET A 329 21.67 1.69 5.50
N ALA A 330 20.40 1.68 5.89
CA ALA A 330 19.33 2.11 5.00
C ALA A 330 18.33 2.95 5.78
N VAL A 331 17.45 3.62 5.03
CA VAL A 331 16.36 4.41 5.58
C VAL A 331 15.06 3.97 4.91
N ALA A 332 14.08 3.59 5.70
CA ALA A 332 12.80 3.13 5.18
C ALA A 332 11.76 4.22 5.38
N THR A 333 11.14 4.64 4.27
CA THR A 333 10.07 5.63 4.31
C THR A 333 8.79 5.00 3.79
N GLY A 334 7.72 5.11 4.57
CA GLY A 334 6.41 4.66 4.16
C GLY A 334 5.47 5.83 4.00
N SER A 335 4.67 5.78 2.94
CA SER A 335 3.83 6.91 2.55
C SER A 335 2.39 6.44 2.38
N TRP A 336 1.49 7.42 2.29
CA TRP A 336 0.07 7.16 2.12
C TRP A 336 -0.26 6.55 0.76
N ASP A 337 0.74 6.34 -0.09
CA ASP A 337 0.53 5.74 -1.40
C ASP A 337 0.62 4.23 -1.38
N SER A 338 0.73 3.61 -0.20
CA SER A 338 0.75 2.17 -0.04
C SER A 338 2.09 1.54 -0.41
N PHE A 339 3.16 2.32 -0.46
CA PHE A 339 4.49 1.81 -0.80
C PHE A 339 5.49 2.21 0.28
N LEU A 340 6.33 1.26 0.66
CA LEU A 340 7.50 1.51 1.48
C LEU A 340 8.72 1.51 0.56
N LYS A 341 9.65 2.42 0.82
CA LYS A 341 10.87 2.52 0.02
C LYS A 341 12.08 2.51 0.94
N ILE A 342 13.02 1.60 0.65
CA ILE A 342 14.30 1.53 1.34
C ILE A 342 15.31 2.33 0.53
N TRP A 343 16.06 3.19 1.21
CA TRP A 343 16.98 4.13 0.59
C TRP A 343 18.38 3.90 1.13
N ASN A 344 19.36 4.15 0.28
CA ASN A 344 20.76 4.06 0.66
C ASN A 344 21.61 4.76 -0.40
N THR B 6 -10.48 21.62 46.51
CA THR B 6 -11.18 21.57 45.24
C THR B 6 -10.29 21.01 44.14
N ALA B 7 -10.90 20.63 43.02
CA ALA B 7 -10.13 20.06 41.91
C ALA B 7 -9.13 21.07 41.36
N SER B 8 -9.56 22.33 41.20
CA SER B 8 -8.67 23.34 40.65
C SER B 8 -7.48 23.58 41.58
N ILE B 9 -7.72 23.60 42.90
CA ILE B 9 -6.63 23.80 43.85
C ILE B 9 -5.63 22.66 43.75
N ALA B 10 -6.11 21.42 43.68
CA ALA B 10 -5.22 20.28 43.58
C ALA B 10 -4.42 20.33 42.28
N GLN B 11 -5.07 20.67 41.17
CA GLN B 11 -4.37 20.76 39.90
C GLN B 11 -3.27 21.82 39.96
N ALA B 12 -3.59 22.99 40.53
CA ALA B 12 -2.59 24.05 40.63
C ALA B 12 -1.43 23.63 41.53
N ARG B 13 -1.74 22.96 42.65
CA ARG B 13 -0.69 22.50 43.54
C ARG B 13 0.23 21.51 42.84
N LYS B 14 -0.35 20.56 42.08
CA LYS B 14 0.46 19.61 41.34
C LYS B 14 1.33 20.32 40.30
N LEU B 15 0.76 21.30 39.61
CA LEU B 15 1.51 22.03 38.60
C LEU B 15 2.70 22.74 39.22
N VAL B 16 2.48 23.43 40.35
CA VAL B 16 3.56 24.17 40.98
C VAL B 16 4.61 23.21 41.54
N GLU B 17 4.18 22.06 42.06
CA GLU B 17 5.14 21.08 42.53
C GLU B 17 6.01 20.57 41.39
N GLN B 18 5.40 20.29 40.24
CA GLN B 18 6.18 19.85 39.09
C GLN B 18 7.14 20.93 38.62
N LEU B 19 6.68 22.18 38.60
CA LEU B 19 7.56 23.28 38.20
C LEU B 19 8.74 23.40 39.16
N LYS B 20 8.49 23.27 40.46
CA LYS B 20 9.58 23.32 41.44
C LYS B 20 10.56 22.18 41.23
N MET B 21 10.05 20.98 40.94
CA MET B 21 10.93 19.86 40.66
C MET B 21 11.77 20.13 39.42
N GLU B 22 11.18 20.74 38.39
CA GLU B 22 11.93 21.08 37.19
C GLU B 22 13.02 22.11 37.48
N ALA B 23 12.72 23.10 38.32
CA ALA B 23 13.66 24.19 38.55
C ALA B 23 14.94 23.68 39.20
N ASN B 24 14.83 22.76 40.15
CA ASN B 24 16.00 22.30 40.89
C ASN B 24 17.00 21.56 40.03
N ILE B 25 16.64 21.17 38.81
CA ILE B 25 17.54 20.40 37.98
C ILE B 25 18.80 21.23 37.68
N ASP B 26 19.95 20.54 37.67
CA ASP B 26 21.22 21.18 37.39
C ASP B 26 21.47 21.20 35.88
N ARG B 27 21.70 22.40 35.35
CA ARG B 27 21.87 22.59 33.92
C ARG B 27 23.33 22.88 33.60
N ILE B 28 23.76 22.47 32.41
CA ILE B 28 25.08 22.79 31.91
C ILE B 28 24.94 23.86 30.83
N LYS B 29 26.06 24.48 30.50
CA LYS B 29 26.05 25.52 29.47
C LYS B 29 25.78 24.91 28.11
N VAL B 30 25.10 25.70 27.26
CA VAL B 30 24.76 25.23 25.92
C VAL B 30 26.01 24.92 25.12
N SER B 31 27.12 25.59 25.44
CA SER B 31 28.36 25.32 24.72
C SER B 31 28.85 23.90 24.94
N LYS B 32 28.74 23.40 26.17
CA LYS B 32 29.10 22.01 26.43
C LYS B 32 28.17 21.06 25.68
N ALA B 33 26.88 21.39 25.63
CA ALA B 33 25.93 20.61 24.84
C ALA B 33 26.39 20.50 23.39
N ALA B 34 26.69 21.64 22.77
CA ALA B 34 27.10 21.64 21.38
C ALA B 34 28.41 20.87 21.20
N ALA B 35 29.37 21.08 22.11
CA ALA B 35 30.65 20.40 21.98
C ALA B 35 30.49 18.90 22.06
N ASP B 36 29.65 18.41 22.98
CA ASP B 36 29.49 16.97 23.11
C ASP B 36 28.73 16.38 21.93
N LEU B 37 27.73 17.09 21.41
CA LEU B 37 27.06 16.60 20.20
C LEU B 37 28.03 16.52 19.03
N MET B 38 28.85 17.56 18.84
CA MET B 38 29.83 17.54 17.77
C MET B 38 30.83 16.42 17.97
N ALA B 39 31.28 16.21 19.21
CA ALA B 39 32.24 15.15 19.49
C ALA B 39 31.67 13.79 19.16
N TYR B 40 30.41 13.54 19.53
CA TYR B 40 29.80 12.25 19.21
C TYR B 40 29.66 12.08 17.70
N CYS B 41 29.29 13.15 17.01
CA CYS B 41 29.15 13.05 15.56
C CYS B 41 30.49 12.74 14.90
N GLU B 42 31.56 13.39 15.35
CA GLU B 42 32.88 13.15 14.76
C GLU B 42 33.38 11.76 15.10
N ALA B 43 33.20 11.31 16.34
CA ALA B 43 33.75 10.03 16.76
C ALA B 43 33.19 8.88 15.94
N HIS B 44 31.89 8.92 15.66
CA HIS B 44 31.20 7.84 14.95
C HIS B 44 30.87 8.24 13.52
N ALA B 45 31.69 9.10 12.91
CA ALA B 45 31.44 9.50 11.54
C ALA B 45 31.81 8.38 10.56
N LYS B 46 32.84 7.60 10.89
CA LYS B 46 33.29 6.54 10.01
C LYS B 46 32.38 5.32 10.02
N GLU B 47 31.44 5.25 10.97
CA GLU B 47 30.54 4.12 11.10
C GLU B 47 29.13 4.42 10.58
N ASP B 48 28.96 5.51 9.84
CA ASP B 48 27.64 5.89 9.32
C ASP B 48 27.59 5.62 7.83
N PRO B 49 26.92 4.55 7.38
CA PRO B 49 26.86 4.29 5.94
C PRO B 49 26.23 5.42 5.15
N LEU B 50 25.19 6.07 5.69
CA LEU B 50 24.46 7.08 4.92
C LEU B 50 25.31 8.32 4.72
N LEU B 51 26.09 8.71 5.72
CA LEU B 51 26.90 9.91 5.61
C LEU B 51 28.06 9.71 4.64
N THR B 52 28.73 8.55 4.73
CA THR B 52 29.87 8.22 3.88
C THR B 52 29.53 6.92 3.13
N PRO B 53 28.99 7.03 1.90
CA PRO B 53 28.56 5.82 1.18
C PRO B 53 29.62 4.73 1.15
N VAL B 54 29.27 3.56 1.68
CA VAL B 54 30.18 2.41 1.74
C VAL B 54 30.27 1.79 0.36
N PRO B 55 31.28 0.95 0.09
CA PRO B 55 31.38 0.31 -1.23
C PRO B 55 30.16 -0.54 -1.52
N ALA B 56 29.85 -0.69 -2.81
CA ALA B 56 28.67 -1.44 -3.23
C ALA B 56 28.74 -2.90 -2.79
N SER B 57 29.93 -3.42 -2.50
CA SER B 57 30.04 -4.81 -2.05
C SER B 57 29.52 -4.97 -0.63
N GLU B 58 29.89 -4.06 0.27
CA GLU B 58 29.49 -4.15 1.66
C GLU B 58 28.05 -3.71 1.89
N ASN B 59 27.41 -3.10 0.89
CA ASN B 59 26.04 -2.62 1.06
C ASN B 59 25.08 -3.77 0.75
N PRO B 60 24.30 -4.25 1.74
CA PRO B 60 23.44 -5.41 1.48
C PRO B 60 22.29 -5.12 0.55
N PHE B 61 22.00 -3.85 0.26
CA PHE B 61 20.89 -3.49 -0.60
C PHE B 61 21.33 -3.25 -2.05
N ARG B 62 22.60 -3.45 -2.36
CA ARG B 62 23.08 -3.40 -3.74
C ARG B 62 24.42 -4.09 -3.84
N HIS C 2 -8.61 2.92 -48.44
CA HIS C 2 -8.47 1.48 -48.32
C HIS C 2 -9.06 0.87 -49.57
N TRP C 3 -9.77 1.69 -50.36
CA TRP C 3 -10.41 1.20 -51.57
C TRP C 3 -9.61 1.47 -52.83
N SER C 4 -10.09 0.98 -53.96
CA SER C 4 -9.37 1.14 -55.23
C SER C 4 -9.95 2.24 -56.11
N TYR C 5 -9.78 3.49 -55.72
CA TYR C 5 -10.24 4.60 -56.54
C TYR C 5 -9.24 4.79 -57.66
N GLY C 6 -9.49 4.17 -58.81
CA GLY C 6 -8.50 4.20 -59.88
C GLY C 6 -7.38 3.34 -59.36
N LEU C 7 -6.17 3.47 -59.91
CA LEU C 7 -5.13 2.67 -59.30
C LEU C 7 -4.42 3.71 -58.58
N ARG C 8 -4.86 4.96 -58.76
CA ARG C 8 -4.24 6.09 -58.11
C ARG C 8 -3.64 5.58 -56.84
N PRO C 9 -2.32 5.45 -56.83
CA PRO C 9 -1.65 4.87 -55.67
C PRO C 9 -2.20 5.41 -54.43
N GLY C 10 -2.42 4.56 -53.46
CA GLY C 10 -3.10 4.99 -52.27
C GLY C 10 -2.53 4.60 -50.96
N GLU D 8 19.67 -22.40 -2.19
CA GLU D 8 18.86 -21.14 -2.16
C GLU D 8 17.46 -21.44 -1.65
N ASP D 9 16.81 -20.43 -1.08
CA ASP D 9 15.50 -20.58 -0.47
C ASP D 9 14.46 -19.90 -1.36
N LYS D 10 13.94 -20.67 -2.31
CA LYS D 10 12.80 -20.25 -3.10
C LYS D 10 11.49 -20.43 -2.34
N ALA D 11 11.50 -21.22 -1.27
CA ALA D 11 10.29 -21.42 -0.49
C ALA D 11 9.81 -20.13 0.15
N ALA D 12 10.74 -19.29 0.61
CA ALA D 12 10.37 -17.98 1.14
C ALA D 12 9.68 -17.14 0.08
N ALA D 13 10.20 -17.15 -1.14
CA ALA D 13 9.56 -16.41 -2.22
C ALA D 13 8.17 -16.95 -2.51
N GLU D 14 8.02 -18.27 -2.48
CA GLU D 14 6.71 -18.87 -2.70
C GLU D 14 5.73 -18.45 -1.61
N ARG D 15 6.18 -18.42 -0.37
CA ARG D 15 5.34 -17.97 0.73
C ARG D 15 4.94 -16.51 0.54
N SER D 16 5.88 -15.68 0.08
CA SER D 16 5.55 -14.28 -0.18
C SER D 16 4.52 -14.16 -1.30
N LYS D 17 4.64 -15.00 -2.34
CA LYS D 17 3.64 -14.99 -3.40
C LYS D 17 2.26 -15.36 -2.88
N MET D 18 2.20 -16.36 -2.01
CA MET D 18 0.91 -16.74 -1.42
C MET D 18 0.34 -15.62 -0.56
N ILE D 19 1.19 -14.95 0.21
CA ILE D 19 0.75 -13.81 1.00
C ILE D 19 0.19 -12.72 0.09
N ASP D 20 0.87 -12.48 -1.04
CA ASP D 20 0.39 -11.49 -1.99
C ASP D 20 -0.97 -11.87 -2.55
N LYS D 21 -1.15 -13.16 -2.87
CA LYS D 21 -2.44 -13.62 -3.37
C LYS D 21 -3.55 -13.35 -2.36
N ASN D 22 -3.31 -13.69 -1.09
CA ASN D 22 -4.32 -13.47 -0.06
C ASN D 22 -4.60 -11.98 0.11
N LEU D 23 -3.57 -11.15 0.10
CA LEU D 23 -3.77 -9.71 0.25
C LEU D 23 -4.59 -9.16 -0.92
N ARG D 24 -4.29 -9.60 -2.13
CA ARG D 24 -5.05 -9.14 -3.29
C ARG D 24 -6.51 -9.57 -3.19
N GLU D 25 -6.75 -10.80 -2.74
CA GLU D 25 -8.13 -11.24 -2.57
C GLU D 25 -8.87 -10.38 -1.54
N ASP D 26 -8.21 -10.08 -0.42
CA ASP D 26 -8.84 -9.24 0.59
C ASP D 26 -9.14 -7.86 0.04
N GLY D 27 -8.21 -7.28 -0.70
CA GLY D 27 -8.46 -5.99 -1.32
C GLY D 27 -9.62 -6.03 -2.29
N GLU D 28 -9.68 -7.07 -3.12
CA GLU D 28 -10.83 -7.26 -3.99
C GLU D 28 -12.12 -7.27 -3.20
N LYS D 29 -12.13 -7.97 -2.06
CA LYS D 29 -13.34 -8.04 -1.25
C LYS D 29 -13.71 -6.67 -0.69
N ALA D 30 -12.71 -5.86 -0.34
CA ALA D 30 -12.98 -4.61 0.37
C ALA D 30 -13.19 -3.42 -0.55
N ARG D 31 -12.86 -3.54 -1.84
CA ARG D 31 -12.84 -2.36 -2.69
C ARG D 31 -14.22 -1.77 -2.95
N ARG D 32 -15.28 -2.59 -2.87
CA ARG D 32 -16.61 -2.16 -3.26
C ARG D 32 -17.41 -1.60 -2.10
N THR D 33 -16.82 -1.49 -0.91
CA THR D 33 -17.52 -0.99 0.26
C THR D 33 -17.39 0.52 0.33
N LEU D 34 -18.53 1.21 0.42
CA LEU D 34 -18.55 2.66 0.51
C LEU D 34 -18.49 3.07 1.97
N ARG D 35 -17.49 3.88 2.31
CA ARG D 35 -17.18 4.21 3.69
C ARG D 35 -17.75 5.58 4.04
N LEU D 36 -18.30 5.70 5.24
CA LEU D 36 -18.92 6.92 5.73
C LEU D 36 -18.47 7.17 7.16
N LEU D 37 -18.32 8.45 7.51
CA LEU D 37 -17.92 8.83 8.87
C LEU D 37 -19.05 9.64 9.49
N LEU D 38 -19.68 9.09 10.52
CA LEU D 38 -20.79 9.74 11.21
C LEU D 38 -20.23 10.50 12.41
N LEU D 39 -20.47 11.81 12.42
CA LEU D 39 -19.99 12.64 13.51
C LEU D 39 -21.04 13.68 13.88
N GLY D 40 -21.26 13.91 15.16
CA GLY D 40 -22.28 14.82 15.63
C GLY D 40 -22.20 14.95 17.14
N ALA D 41 -23.09 15.78 17.67
CA ALA D 41 -23.10 16.04 19.10
C ALA D 41 -23.77 14.90 19.86
N ASP D 42 -23.82 15.03 21.18
CA ASP D 42 -24.46 14.00 22.00
C ASP D 42 -25.98 14.11 21.92
N ASN D 43 -26.51 15.34 21.86
CA ASN D 43 -27.94 15.50 21.73
C ASN D 43 -28.46 14.95 20.42
N SER D 44 -27.68 15.08 19.34
CA SER D 44 -28.12 14.57 18.05
C SER D 44 -28.31 13.06 18.12
N GLY D 45 -29.33 12.58 17.42
CA GLY D 45 -29.62 11.16 17.38
C GLY D 45 -28.80 10.43 16.34
N LYS D 46 -27.49 10.35 16.56
CA LYS D 46 -26.61 9.72 15.57
C LYS D 46 -26.95 8.24 15.39
N SER D 47 -27.17 7.53 16.49
CA SER D 47 -27.35 6.08 16.41
C SER D 47 -28.59 5.71 15.63
N THR D 48 -29.69 6.45 15.83
CA THR D 48 -30.97 6.09 15.25
C THR D 48 -31.05 6.31 13.75
N ILE D 49 -30.04 6.96 13.15
CA ILE D 49 -30.13 7.34 11.74
C ILE D 49 -30.22 6.10 10.86
N VAL D 50 -29.36 5.11 11.13
CA VAL D 50 -29.16 4.00 10.20
C VAL D 50 -30.14 2.85 10.39
N LYS D 51 -30.85 2.81 11.51
CA LYS D 51 -31.77 1.71 11.80
C LYS D 51 -30.99 0.39 11.96
N ILE D 69 -14.25 2.97 18.99
CA ILE D 69 -14.84 3.06 17.65
C ILE D 69 -16.03 2.12 17.52
N PHE D 70 -16.99 2.52 16.69
CA PHE D 70 -18.23 1.80 16.48
C PHE D 70 -18.46 1.68 14.97
N GLU D 71 -18.73 0.46 14.52
CA GLU D 71 -18.94 0.18 13.11
C GLU D 71 -20.36 -0.29 12.86
N THR D 72 -20.95 0.20 11.77
CA THR D 72 -22.28 -0.21 11.33
C THR D 72 -22.20 -0.54 9.86
N LYS D 73 -23.07 -1.45 9.41
CA LYS D 73 -23.10 -1.85 8.01
C LYS D 73 -24.53 -1.92 7.54
N PHE D 74 -24.76 -1.45 6.31
CA PHE D 74 -26.09 -1.56 5.72
C PHE D 74 -25.95 -1.64 4.21
N GLN D 75 -27.09 -1.88 3.55
CA GLN D 75 -27.12 -2.05 2.11
C GLN D 75 -28.31 -1.32 1.50
N VAL D 76 -28.11 -0.79 0.30
CA VAL D 76 -29.19 -0.23 -0.50
C VAL D 76 -28.89 -0.60 -1.95
N ASP D 77 -29.87 -1.20 -2.63
CA ASP D 77 -29.69 -1.64 -4.02
C ASP D 77 -28.35 -2.35 -4.20
N LYS D 78 -27.98 -3.14 -3.19
CA LYS D 78 -26.78 -3.98 -3.26
C LYS D 78 -25.51 -3.15 -3.45
N VAL D 79 -25.40 -2.04 -2.72
CA VAL D 79 -24.13 -1.37 -2.50
C VAL D 79 -23.89 -1.29 -1.00
N ASN D 80 -22.74 -1.77 -0.55
CA ASN D 80 -22.46 -1.89 0.87
C ASN D 80 -22.02 -0.54 1.42
N PHE D 81 -22.54 -0.18 2.59
CA PHE D 81 -22.19 1.04 3.29
C PHE D 81 -21.65 0.68 4.67
N HIS D 82 -20.45 1.17 4.96
CA HIS D 82 -19.78 0.96 6.24
C HIS D 82 -19.65 2.30 6.94
N MET D 83 -20.37 2.46 8.05
CA MET D 83 -20.48 3.73 8.76
C MET D 83 -19.71 3.66 10.07
N PHE D 84 -18.85 4.66 10.30
CA PHE D 84 -17.94 4.65 11.43
C PHE D 84 -18.26 5.81 12.36
N ASP D 85 -18.45 5.50 13.64
CA ASP D 85 -18.65 6.50 14.69
C ASP D 85 -17.53 6.35 15.70
N VAL D 86 -16.63 7.33 15.74
CA VAL D 86 -15.42 7.18 16.54
C VAL D 86 -15.77 7.03 18.02
N GLY D 87 -16.61 7.91 18.54
CA GLY D 87 -17.14 7.70 19.87
C GLY D 87 -16.24 8.18 21.00
N GLY D 88 -15.36 7.32 21.50
CA GLY D 88 -14.40 7.76 22.50
C GLY D 88 -13.05 8.25 21.99
N GLN D 89 -12.99 9.42 21.34
CA GLN D 89 -11.68 9.98 20.89
C GLN D 89 -11.58 11.52 20.95
N ARG D 90 -10.54 12.09 20.34
CA ARG D 90 -10.31 13.55 20.40
C ARG D 90 -11.45 14.49 20.06
N ASP D 91 -11.40 15.71 20.59
CA ASP D 91 -12.45 16.70 20.33
C ASP D 91 -11.98 17.69 19.29
N GLU D 92 -10.71 18.08 19.34
CA GLU D 92 -10.21 18.90 18.28
C GLU D 92 -10.45 17.97 17.12
N ARG D 93 -10.40 16.66 17.39
CA ARG D 93 -10.66 15.66 16.38
C ARG D 93 -9.79 15.85 15.21
N ARG D 94 -8.74 16.64 15.34
CA ARG D 94 -7.99 16.94 14.17
C ARG D 94 -6.93 15.95 14.02
N LYS D 95 -6.54 15.26 15.07
CA LYS D 95 -5.42 14.35 14.94
C LYS D 95 -5.91 13.08 14.30
N TRP D 96 -7.21 12.80 14.44
CA TRP D 96 -7.76 11.55 13.94
C TRP D 96 -8.56 11.77 12.67
N ILE D 97 -9.06 12.98 12.41
CA ILE D 97 -9.84 13.12 11.20
C ILE D 97 -9.02 12.80 9.97
N GLN D 98 -7.69 12.93 10.06
CA GLN D 98 -6.85 12.62 8.91
C GLN D 98 -6.95 11.15 8.51
N CYS D 99 -7.31 10.28 9.45
CA CYS D 99 -7.51 8.88 9.11
C CYS D 99 -8.69 8.68 8.18
N PHE D 100 -9.60 9.65 8.10
CA PHE D 100 -10.82 9.55 7.33
C PHE D 100 -10.83 10.50 6.13
N ASN D 101 -9.66 10.74 5.55
CA ASN D 101 -9.55 11.66 4.42
C ASN D 101 -9.87 11.00 3.09
N ASP D 102 -10.15 9.70 3.08
CA ASP D 102 -10.50 8.99 1.85
C ASP D 102 -11.88 8.35 1.94
N VAL D 103 -12.71 8.79 2.88
CA VAL D 103 -14.07 8.27 2.96
C VAL D 103 -14.93 8.93 1.89
N THR D 104 -16.08 8.30 1.62
CA THR D 104 -16.99 8.84 0.61
C THR D 104 -17.71 10.08 1.14
N ALA D 105 -18.19 10.03 2.37
CA ALA D 105 -18.98 11.13 2.90
C ALA D 105 -18.87 11.19 4.42
N ILE D 106 -19.11 12.38 4.95
CA ILE D 106 -19.18 12.64 6.38
C ILE D 106 -20.63 12.96 6.70
N ILE D 107 -21.28 12.10 7.47
CA ILE D 107 -22.67 12.29 7.87
C ILE D 107 -22.67 13.08 9.18
N PHE D 108 -23.20 14.29 9.11
CA PHE D 108 -23.22 15.21 10.24
C PHE D 108 -24.66 15.40 10.68
N VAL D 109 -24.95 15.06 11.93
CA VAL D 109 -26.30 15.14 12.49
C VAL D 109 -26.36 16.30 13.47
N VAL D 110 -27.38 17.14 13.33
CA VAL D 110 -27.58 18.29 14.21
C VAL D 110 -28.99 18.22 14.76
N ASP D 111 -29.11 18.39 16.08
CA ASP D 111 -30.42 18.40 16.74
C ASP D 111 -30.99 19.80 16.55
N SER D 112 -31.99 19.91 15.67
CA SER D 112 -32.56 21.21 15.37
C SER D 112 -33.41 21.77 16.51
N SER D 113 -33.96 20.90 17.36
CA SER D 113 -34.82 21.37 18.44
C SER D 113 -34.09 22.26 19.44
N ASP D 114 -32.80 22.02 19.66
CA ASP D 114 -32.03 22.75 20.68
C ASP D 114 -31.46 24.01 20.05
N TYR D 115 -32.06 25.16 20.38
CA TYR D 115 -31.60 26.42 19.82
C TYR D 115 -30.30 26.87 20.48
N ASN D 116 -30.18 26.70 21.80
CA ASN D 116 -29.02 27.20 22.51
C ASN D 116 -27.75 26.49 22.04
N ARG D 117 -27.83 25.19 21.78
CA ARG D 117 -26.68 24.43 21.32
C ARG D 117 -26.53 24.43 19.80
N LEU D 118 -27.37 25.16 19.08
CA LEU D 118 -27.28 25.15 17.62
C LEU D 118 -26.09 25.94 17.14
N GLN D 119 -25.67 26.98 17.88
CA GLN D 119 -24.44 27.66 17.54
C GLN D 119 -23.23 26.74 17.69
N GLU D 120 -23.25 25.90 18.72
CA GLU D 120 -22.19 24.91 18.87
C GLU D 120 -22.15 23.97 17.68
N ALA D 121 -23.32 23.52 17.23
CA ALA D 121 -23.38 22.65 16.05
C ALA D 121 -22.86 23.37 14.83
N LEU D 122 -23.22 24.64 14.65
CA LEU D 122 -22.73 25.39 13.49
C LEU D 122 -21.22 25.53 13.54
N ASN D 123 -20.66 25.81 14.71
CA ASN D 123 -19.21 25.94 14.83
C ASN D 123 -18.51 24.62 14.55
N ASP D 124 -19.07 23.51 15.04
CA ASP D 124 -18.48 22.21 14.75
C ASP D 124 -18.55 21.91 13.25
N PHE D 125 -19.66 22.26 12.61
CA PHE D 125 -19.79 22.05 11.17
C PHE D 125 -18.78 22.89 10.41
N LYS D 126 -18.54 24.13 10.87
CA LYS D 126 -17.52 24.97 10.25
C LYS D 126 -16.13 24.36 10.43
N SER D 127 -15.88 23.78 11.59
CA SER D 127 -14.60 23.15 11.85
C SER D 127 -14.38 22.01 10.88
N ILE D 128 -15.39 21.14 10.76
CA ILE D 128 -15.26 19.97 9.90
C ILE D 128 -15.15 20.37 8.44
N TRP D 129 -15.93 21.37 8.03
CA TRP D 129 -15.94 21.74 6.60
C TRP D 129 -14.63 22.35 6.13
N ASN D 130 -13.95 23.09 7.00
CA ASN D 130 -12.72 23.78 6.62
C ASN D 130 -11.46 23.01 7.01
N ASN D 131 -11.61 21.80 7.54
CA ASN D 131 -10.45 21.02 7.93
C ASN D 131 -9.58 20.71 6.70
N ARG D 132 -8.27 20.69 6.93
CA ARG D 132 -7.34 20.54 5.82
C ARG D 132 -7.56 19.22 5.08
N TRP D 133 -7.74 18.13 5.83
CA TRP D 133 -7.82 16.81 5.22
C TRP D 133 -9.21 16.48 4.68
N LEU D 134 -10.20 17.33 4.92
CA LEU D 134 -11.56 17.10 4.44
C LEU D 134 -11.94 18.07 3.34
N ARG D 135 -10.97 18.64 2.63
CA ARG D 135 -11.27 19.59 1.57
C ARG D 135 -11.92 18.92 0.38
N THR D 136 -11.78 17.61 0.23
CA THR D 136 -12.41 16.87 -0.86
C THR D 136 -13.63 16.09 -0.38
N ILE D 137 -13.83 15.97 0.93
CA ILE D 137 -14.89 15.13 1.48
C ILE D 137 -16.17 15.93 1.57
N SER D 138 -17.25 15.37 1.04
CA SER D 138 -18.55 16.01 1.11
C SER D 138 -19.26 15.63 2.40
N VAL D 139 -20.21 16.46 2.79
CA VAL D 139 -20.92 16.34 4.05
C VAL D 139 -22.40 16.15 3.77
N ILE D 140 -22.98 15.11 4.34
CA ILE D 140 -24.42 14.86 4.28
C ILE D 140 -25.00 15.28 5.62
N LEU D 141 -25.84 16.31 5.61
CA LEU D 141 -26.31 16.94 6.83
C LEU D 141 -27.71 16.46 7.16
N PHE D 142 -27.93 16.05 8.40
CA PHE D 142 -29.21 15.56 8.89
C PHE D 142 -29.67 16.47 10.03
N LEU D 143 -30.66 17.32 9.75
CA LEU D 143 -31.25 18.19 10.75
C LEU D 143 -32.32 17.37 11.49
N ASN D 144 -31.84 16.56 12.43
CA ASN D 144 -32.66 15.56 13.08
C ASN D 144 -33.66 16.20 14.04
N LYS D 145 -34.51 15.35 14.63
CA LYS D 145 -35.48 15.77 15.62
C LYS D 145 -36.36 16.89 15.07
N GLN D 146 -36.94 16.66 13.90
CA GLN D 146 -37.74 17.68 13.24
C GLN D 146 -39.12 17.82 13.89
N ASP D 147 -39.69 16.72 14.39
CA ASP D 147 -40.98 16.83 15.05
C ASP D 147 -40.88 17.69 16.31
N LEU D 148 -39.77 17.59 17.03
CA LEU D 148 -39.58 18.44 18.20
C LEU D 148 -39.47 19.90 17.80
N LEU D 149 -38.79 20.18 16.68
CA LEU D 149 -38.72 21.54 16.18
C LEU D 149 -40.12 22.05 15.86
N ALA D 150 -40.95 21.22 15.23
CA ALA D 150 -42.32 21.63 14.93
C ALA D 150 -43.09 21.92 16.20
N GLU D 151 -42.96 21.06 17.21
CA GLU D 151 -43.69 21.29 18.46
C GLU D 151 -43.25 22.58 19.12
N LYS D 152 -41.95 22.87 19.10
CA LYS D 152 -41.47 24.08 19.75
C LYS D 152 -41.91 25.35 19.05
N VAL D 153 -42.49 25.25 17.85
CA VAL D 153 -43.07 26.40 17.18
C VAL D 153 -44.37 25.98 16.49
N SER D 158 -44.40 26.42 22.40
CA SER D 158 -44.01 27.00 21.09
C SER D 158 -43.57 28.47 21.00
N LYS D 159 -44.47 29.41 21.27
CA LYS D 159 -44.10 30.81 21.24
C LYS D 159 -42.87 31.01 22.09
N ILE D 160 -42.88 30.43 23.30
CA ILE D 160 -41.74 30.56 24.20
C ILE D 160 -40.43 30.16 23.55
N GLU D 161 -40.49 29.28 22.56
CA GLU D 161 -39.29 28.85 21.85
C GLU D 161 -38.87 29.89 20.82
N ASP D 162 -38.55 31.10 21.28
CA ASP D 162 -38.12 32.16 20.37
C ASP D 162 -36.76 31.80 19.80
N TYR D 163 -36.29 32.55 18.80
CA TYR D 163 -35.03 32.16 18.16
C TYR D 163 -33.91 33.09 18.58
N PHE D 164 -32.79 32.50 19.00
CA PHE D 164 -31.68 33.27 19.52
C PHE D 164 -31.05 34.18 18.48
N PRO D 165 -30.77 33.73 17.26
CA PRO D 165 -30.13 34.61 16.28
C PRO D 165 -31.02 35.77 15.88
N GLU D 166 -30.44 36.70 15.11
CA GLU D 166 -31.17 37.83 14.55
C GLU D 166 -31.97 37.35 13.34
N PHE D 167 -33.06 36.64 13.64
CA PHE D 167 -33.82 35.89 12.65
C PHE D 167 -34.92 36.71 11.97
N ALA D 168 -35.25 37.89 12.50
CA ALA D 168 -36.43 38.60 12.03
C ALA D 168 -36.34 38.92 10.54
N ARG D 169 -35.15 39.18 10.03
CA ARG D 169 -35.00 39.66 8.65
C ARG D 169 -35.29 38.59 7.60
N TYR D 170 -35.46 37.33 8.00
CA TYR D 170 -35.57 36.23 7.06
C TYR D 170 -37.03 35.87 6.79
N THR D 171 -37.34 35.68 5.51
CA THR D 171 -38.64 35.21 5.07
C THR D 171 -38.44 34.08 4.06
N THR D 172 -39.42 33.21 3.95
CA THR D 172 -39.25 32.02 3.15
C THR D 172 -38.99 32.39 1.69
N PRO D 173 -38.14 31.65 0.98
CA PRO D 173 -37.86 31.98 -0.41
C PRO D 173 -39.02 31.62 -1.33
N GLU D 174 -39.01 32.24 -2.51
CA GLU D 174 -40.06 31.98 -3.49
C GLU D 174 -40.06 30.54 -3.95
N ASP D 175 -38.94 29.84 -3.86
CA ASP D 175 -38.82 28.47 -4.33
C ASP D 175 -39.07 27.44 -3.24
N ALA D 176 -39.58 27.86 -2.09
CA ALA D 176 -39.86 26.94 -1.00
C ALA D 176 -40.81 25.84 -1.47
N THR D 177 -40.50 24.61 -1.08
CA THR D 177 -41.31 23.43 -1.42
C THR D 177 -41.66 22.71 -0.12
N PRO D 178 -42.53 23.30 0.69
CA PRO D 178 -42.81 22.73 2.02
C PRO D 178 -43.50 21.39 1.93
N GLU D 179 -43.28 20.57 2.96
CA GLU D 179 -44.06 19.36 3.12
C GLU D 179 -45.53 19.73 3.29
N PRO D 180 -46.46 18.99 2.68
CA PRO D 180 -47.87 19.39 2.76
C PRO D 180 -48.35 19.48 4.21
N GLY D 181 -49.16 20.51 4.47
CA GLY D 181 -49.68 20.70 5.81
C GLY D 181 -48.67 21.17 6.82
N GLU D 182 -47.69 21.98 6.40
CA GLU D 182 -46.67 22.51 7.29
C GLU D 182 -46.98 23.97 7.62
N ASP D 183 -47.07 24.27 8.89
CA ASP D 183 -47.37 25.63 9.34
C ASP D 183 -46.25 26.54 8.85
N PRO D 184 -46.58 27.72 8.27
CA PRO D 184 -45.52 28.54 7.68
C PRO D 184 -44.41 28.92 8.64
N ARG D 185 -44.72 29.18 9.91
CA ARG D 185 -43.66 29.39 10.89
C ARG D 185 -42.69 28.21 10.90
N VAL D 186 -43.23 26.98 10.86
CA VAL D 186 -42.38 25.80 10.90
C VAL D 186 -41.47 25.76 9.67
N THR D 187 -42.03 26.00 8.49
CA THR D 187 -41.23 25.90 7.28
C THR D 187 -40.16 26.99 7.24
N ARG D 188 -40.48 28.19 7.71
CA ARG D 188 -39.49 29.25 7.69
C ARG D 188 -38.39 28.99 8.73
N ALA D 189 -38.74 28.40 9.87
CA ALA D 189 -37.72 27.98 10.82
C ALA D 189 -36.79 26.94 10.21
N LYS D 190 -37.37 25.90 9.61
CA LYS D 190 -36.56 24.86 8.98
C LYS D 190 -35.62 25.46 7.95
N TYR D 191 -36.16 26.33 7.09
CA TYR D 191 -35.34 26.89 6.04
C TYR D 191 -34.30 27.85 6.60
N PHE D 192 -34.56 28.48 7.73
CA PHE D 192 -33.54 29.31 8.37
C PHE D 192 -32.36 28.46 8.83
N ILE D 193 -32.64 27.34 9.49
CA ILE D 193 -31.56 26.49 9.96
C ILE D 193 -30.77 25.95 8.77
N ARG D 194 -31.48 25.46 7.75
CA ARG D 194 -30.80 24.95 6.56
C ARG D 194 -29.97 26.04 5.90
N LYS D 195 -30.51 27.26 5.81
CA LYS D 195 -29.78 28.36 5.21
C LYS D 195 -28.53 28.67 6.00
N GLU D 196 -28.60 28.62 7.33
CA GLU D 196 -27.41 28.85 8.14
C GLU D 196 -26.32 27.85 7.80
N PHE D 197 -26.67 26.56 7.79
CA PHE D 197 -25.65 25.55 7.52
C PHE D 197 -25.11 25.66 6.10
N VAL D 198 -25.97 25.85 5.11
CA VAL D 198 -25.49 25.94 3.73
C VAL D 198 -24.71 27.23 3.51
N ASP D 199 -25.00 28.28 4.27
CA ASP D 199 -24.19 29.48 4.20
C ASP D 199 -22.78 29.22 4.72
N ILE D 200 -22.66 28.52 5.85
CA ILE D 200 -21.34 28.13 6.31
C ILE D 200 -20.66 27.24 5.27
N SER D 201 -21.46 26.48 4.52
CA SER D 201 -20.90 25.57 3.53
C SER D 201 -20.31 26.33 2.34
N THR D 202 -21.13 27.11 1.65
CA THR D 202 -20.70 27.74 0.40
C THR D 202 -19.64 28.82 0.63
N ALA D 203 -19.70 29.50 1.77
CA ALA D 203 -18.84 30.66 1.98
C ALA D 203 -17.36 30.32 1.87
N SER D 204 -16.97 29.08 2.12
CA SER D 204 -15.56 28.71 2.22
C SER D 204 -15.15 27.52 1.36
N GLY D 205 -16.08 26.68 0.92
CA GLY D 205 -15.73 25.54 0.10
C GLY D 205 -15.56 25.96 -1.34
N ASP D 206 -14.40 25.64 -1.91
CA ASP D 206 -14.08 26.06 -3.28
C ASP D 206 -14.61 25.06 -4.30
N GLY D 207 -15.90 24.72 -4.20
CA GLY D 207 -16.55 23.89 -5.19
C GLY D 207 -16.06 22.46 -5.28
N ARG D 208 -15.05 22.08 -4.51
CA ARG D 208 -14.55 20.71 -4.56
C ARG D 208 -15.39 19.74 -3.75
N HIS D 209 -16.22 20.26 -2.85
CA HIS D 209 -17.11 19.42 -2.04
C HIS D 209 -18.45 20.14 -1.87
N ILE D 210 -19.52 19.39 -1.64
CA ILE D 210 -20.85 19.94 -1.58
C ILE D 210 -21.58 19.35 -0.38
N CYS D 211 -22.36 20.18 0.31
CA CYS D 211 -23.17 19.76 1.44
C CYS D 211 -24.59 19.44 0.97
N TYR D 212 -25.15 18.36 1.50
CA TYR D 212 -26.46 17.88 1.10
C TYR D 212 -27.40 17.94 2.30
N PRO D 213 -28.14 19.02 2.50
CA PRO D 213 -29.04 19.10 3.65
C PRO D 213 -30.24 18.20 3.50
N HIS D 214 -30.66 17.61 4.63
CA HIS D 214 -31.86 16.80 4.70
C HIS D 214 -32.51 17.02 6.06
N PHE D 215 -33.83 16.91 6.10
CA PHE D 215 -34.57 16.93 7.34
C PHE D 215 -35.09 15.54 7.66
N THR D 216 -34.85 15.09 8.88
CA THR D 216 -35.16 13.73 9.27
C THR D 216 -35.77 13.75 10.67
N CYS D 217 -36.14 12.58 11.16
CA CYS D 217 -36.87 12.47 12.42
C CYS D 217 -36.46 11.15 13.08
N ALA D 218 -37.08 10.85 14.22
CA ALA D 218 -36.78 9.61 14.92
C ALA D 218 -37.39 8.41 14.19
N VAL D 219 -38.61 8.56 13.66
CA VAL D 219 -39.30 7.44 13.02
C VAL D 219 -39.06 7.37 11.52
N ASP D 220 -38.32 8.34 10.97
CA ASP D 220 -37.99 8.33 9.55
C ASP D 220 -37.31 7.04 9.15
N THR D 221 -37.67 6.48 7.99
CA THR D 221 -37.05 5.24 7.53
C THR D 221 -36.38 5.36 6.17
N GLU D 222 -36.43 6.53 5.54
CA GLU D 222 -35.87 6.72 4.21
C GLU D 222 -34.42 7.21 4.23
N ASN D 223 -33.79 7.23 5.41
CA ASN D 223 -32.47 7.82 5.54
C ASN D 223 -31.43 7.08 4.69
N ALA D 224 -31.49 5.75 4.69
CA ALA D 224 -30.54 4.98 3.89
C ALA D 224 -30.66 5.33 2.42
N ARG D 225 -31.89 5.53 1.93
CA ARG D 225 -32.08 5.94 0.55
C ARG D 225 -31.43 7.30 0.29
N ARG D 226 -31.56 8.22 1.24
CA ARG D 226 -30.97 9.53 1.08
C ARG D 226 -29.46 9.45 1.03
N ILE D 227 -28.85 8.64 1.90
CA ILE D 227 -27.40 8.47 1.85
C ILE D 227 -26.99 7.85 0.53
N PHE D 228 -27.78 6.90 0.04
CA PHE D 228 -27.47 6.27 -1.25
C PHE D 228 -27.48 7.30 -2.37
N ASN D 229 -28.53 8.12 -2.45
CA ASN D 229 -28.61 9.11 -3.50
C ASN D 229 -27.48 10.13 -3.40
N ASP D 230 -27.21 10.61 -2.19
CA ASP D 230 -26.12 11.57 -2.01
C ASP D 230 -24.79 10.99 -2.43
N CYS D 231 -24.52 9.74 -2.05
CA CYS D 231 -23.26 9.11 -2.40
C CYS D 231 -23.15 8.91 -3.91
N LYS D 232 -24.26 8.56 -4.56
CA LYS D 232 -24.24 8.46 -6.02
C LYS D 232 -23.86 9.80 -6.64
N ASP D 233 -24.42 10.89 -6.12
CA ASP D 233 -24.03 12.21 -6.60
C ASP D 233 -22.55 12.49 -6.35
N ILE D 234 -22.05 12.09 -5.19
CA ILE D 234 -20.65 12.32 -4.85
C ILE D 234 -19.74 11.64 -5.87
N ILE D 235 -19.99 10.35 -6.14
CA ILE D 235 -19.14 9.65 -7.08
C ILE D 235 -19.34 10.16 -8.50
N LEU D 236 -20.55 10.60 -8.83
CA LEU D 236 -20.77 11.17 -10.16
C LEU D 236 -19.94 12.43 -10.35
N GLN D 237 -19.87 13.28 -9.34
CA GLN D 237 -19.07 14.50 -9.47
C GLN D 237 -17.58 14.20 -9.40
N MET D 238 -17.18 13.20 -8.61
CA MET D 238 -15.79 12.76 -8.63
C MET D 238 -15.40 12.30 -10.02
N ASN D 239 -16.28 11.56 -10.68
CA ASN D 239 -16.02 11.14 -12.06
C ASN D 239 -15.97 12.33 -12.99
N LEU D 240 -16.91 13.26 -12.88
CA LEU D 240 -16.88 14.46 -13.71
C LEU D 240 -15.53 15.17 -13.59
N ARG D 241 -14.95 15.17 -12.39
CA ARG D 241 -13.64 15.79 -12.22
C ARG D 241 -12.53 14.92 -12.79
N GLU D 242 -12.66 13.59 -12.65
CA GLU D 242 -11.61 12.70 -13.15
C GLU D 242 -11.48 12.80 -14.67
N TYR D 243 -12.59 12.99 -15.37
CA TYR D 243 -12.61 13.10 -16.81
C TYR D 243 -12.46 14.53 -17.31
N ASN D 244 -12.33 15.50 -16.40
CA ASN D 244 -12.34 16.91 -16.78
C ASN D 244 -13.53 17.21 -17.66
N LEU D 245 -14.64 16.52 -17.40
CA LEU D 245 -15.87 16.75 -18.16
C LEU D 245 -16.17 18.23 -18.35
N VAL E 39 0.95 -30.07 18.87
CA VAL E 39 1.53 -30.41 17.59
C VAL E 39 1.83 -31.90 17.54
N GLN E 40 1.06 -32.65 16.76
CA GLN E 40 1.27 -34.08 16.63
C GLN E 40 0.93 -34.53 15.21
N LEU E 41 1.82 -35.35 14.65
CA LEU E 41 1.62 -35.98 13.35
C LEU E 41 1.55 -37.48 13.58
N VAL E 42 0.44 -38.09 13.17
CA VAL E 42 0.24 -39.52 13.33
C VAL E 42 0.09 -40.14 11.94
N GLU E 43 0.93 -41.11 11.62
CA GLU E 43 0.96 -41.71 10.30
C GLU E 43 0.30 -43.08 10.32
N SER E 44 -0.51 -43.34 9.30
CA SER E 44 -1.26 -44.56 9.15
C SER E 44 -0.97 -45.17 7.78
N GLY E 45 -1.08 -46.49 7.70
CA GLY E 45 -0.70 -47.24 6.53
C GLY E 45 0.18 -48.40 6.92
N GLY E 46 1.21 -48.68 6.14
CA GLY E 46 2.17 -49.68 6.54
C GLY E 46 1.62 -51.09 6.44
N GLY E 47 2.45 -52.03 6.87
CA GLY E 47 2.12 -53.43 6.83
C GLY E 47 2.87 -54.16 5.74
N LEU E 48 2.46 -55.41 5.53
CA LEU E 48 3.07 -56.26 4.52
C LEU E 48 2.50 -55.96 3.14
N VAL E 49 3.34 -56.07 2.12
CA VAL E 49 2.89 -56.01 0.74
C VAL E 49 3.82 -56.89 -0.10
N GLN E 50 3.26 -57.57 -1.08
CA GLN E 50 4.08 -58.32 -2.02
C GLN E 50 4.78 -57.36 -2.97
N PRO E 51 5.94 -57.74 -3.51
CA PRO E 51 6.61 -56.86 -4.46
C PRO E 51 5.72 -56.53 -5.63
N GLY E 52 5.76 -55.27 -6.06
CA GLY E 52 4.93 -54.79 -7.14
C GLY E 52 3.58 -54.27 -6.72
N GLY E 53 3.23 -54.35 -5.44
CA GLY E 53 1.94 -53.86 -4.98
C GLY E 53 1.86 -52.35 -4.99
N SER E 54 0.99 -51.80 -4.15
CA SER E 54 0.82 -50.36 -4.06
C SER E 54 0.00 -50.03 -2.82
N ARG E 55 0.30 -48.88 -2.22
CA ARG E 55 -0.37 -48.46 -1.00
C ARG E 55 -0.27 -46.96 -0.80
N LYS E 56 -1.21 -46.36 -0.07
CA LYS E 56 -1.19 -44.93 0.22
C LYS E 56 -0.98 -44.72 1.72
N LEU E 57 0.18 -44.19 2.08
CA LEU E 57 0.45 -43.78 3.45
C LEU E 57 -0.21 -42.43 3.70
N SER E 58 -0.76 -42.25 4.89
CA SER E 58 -1.41 -41.00 5.25
C SER E 58 -0.82 -40.47 6.55
N CYS E 59 -0.85 -39.16 6.72
CA CYS E 59 -0.42 -38.51 7.94
C CYS E 59 -1.48 -37.52 8.37
N SER E 60 -2.05 -37.73 9.56
CA SER E 60 -3.00 -36.82 10.16
C SER E 60 -2.24 -35.84 11.05
N ALA E 61 -2.41 -34.55 10.78
CA ALA E 61 -1.72 -33.49 11.49
C ALA E 61 -2.72 -32.75 12.38
N SER E 62 -2.36 -32.57 13.64
CA SER E 62 -3.27 -31.92 14.59
C SER E 62 -2.46 -31.12 15.59
N GLY E 63 -2.72 -29.81 15.62
CA GLY E 63 -2.08 -28.92 16.56
C GLY E 63 -1.32 -27.77 15.97
N PHE E 64 -1.44 -27.51 14.67
CA PHE E 64 -0.75 -26.40 14.05
C PHE E 64 -1.41 -26.08 12.71
N ALA E 65 -1.02 -24.94 12.14
CA ALA E 65 -1.53 -24.48 10.85
C ALA E 65 -0.90 -25.33 9.75
N PHE E 66 -1.60 -26.40 9.38
CA PHE E 66 -1.07 -27.32 8.39
C PHE E 66 -0.90 -26.64 7.04
N SER E 67 -1.83 -25.76 6.67
CA SER E 67 -1.80 -25.17 5.34
C SER E 67 -0.58 -24.28 5.14
N SER E 68 -0.01 -23.75 6.23
CA SER E 68 1.10 -22.82 6.13
C SER E 68 2.47 -23.49 6.22
N PHE E 69 2.51 -24.82 6.16
CA PHE E 69 3.74 -25.58 6.27
C PHE E 69 3.99 -26.35 4.98
N GLY E 70 5.26 -26.61 4.70
CA GLY E 70 5.60 -27.65 3.75
C GLY E 70 5.79 -28.98 4.45
N MET E 71 5.69 -30.07 3.70
CA MET E 71 5.72 -31.38 4.30
C MET E 71 6.65 -32.31 3.52
N HIS E 72 7.45 -33.06 4.25
CA HIS E 72 8.45 -33.97 3.71
C HIS E 72 8.12 -35.39 4.14
N TRP E 73 8.30 -36.33 3.22
CA TRP E 73 8.28 -37.74 3.52
C TRP E 73 9.73 -38.21 3.53
N VAL E 74 10.17 -38.75 4.67
CA VAL E 74 11.52 -39.25 4.87
C VAL E 74 11.40 -40.73 5.21
N ARG E 75 12.45 -41.49 4.93
CA ARG E 75 12.42 -42.91 5.14
C ARG E 75 13.64 -43.41 5.88
N GLN E 76 13.51 -44.52 6.59
CA GLN E 76 14.61 -45.13 7.32
C GLN E 76 14.51 -46.64 7.16
N ALA E 77 15.43 -47.22 6.40
CA ALA E 77 15.43 -48.66 6.23
C ALA E 77 15.80 -49.33 7.55
N PRO E 78 15.41 -50.59 7.75
CA PRO E 78 15.74 -51.26 9.01
C PRO E 78 17.25 -51.30 9.23
N GLU E 79 17.67 -50.92 10.44
CA GLU E 79 19.08 -50.93 10.81
C GLU E 79 19.93 -50.12 9.82
N LYS E 80 19.39 -48.98 9.40
CA LYS E 80 20.09 -48.11 8.46
C LYS E 80 19.70 -46.67 8.75
N GLY E 81 20.22 -45.75 7.92
CA GLY E 81 20.05 -44.34 8.13
C GLY E 81 18.82 -43.78 7.44
N LEU E 82 18.77 -42.45 7.37
CA LEU E 82 17.63 -41.75 6.81
C LEU E 82 17.85 -41.46 5.33
N GLU E 83 16.74 -41.27 4.62
CA GLU E 83 16.76 -41.06 3.18
C GLU E 83 15.52 -40.29 2.78
N TRP E 84 15.71 -39.04 2.35
CA TRP E 84 14.60 -38.19 1.96
C TRP E 84 13.91 -38.75 0.73
N VAL E 85 12.58 -38.73 0.76
CA VAL E 85 11.74 -39.37 -0.25
C VAL E 85 10.99 -38.34 -1.07
N ALA E 86 10.24 -37.45 -0.42
CA ALA E 86 9.39 -36.54 -1.18
C ALA E 86 9.16 -35.25 -0.41
N TYR E 87 8.74 -34.22 -1.15
CA TYR E 87 8.44 -32.91 -0.59
C TYR E 87 7.27 -32.27 -1.33
N ILE E 88 6.31 -31.75 -0.56
CA ILE E 88 5.18 -31.00 -1.09
C ILE E 88 5.08 -29.70 -0.31
N SER E 89 5.12 -28.58 -1.03
CA SER E 89 5.16 -27.29 -0.37
C SER E 89 3.82 -26.70 -0.03
N SER E 90 3.83 -25.63 0.77
CA SER E 90 2.61 -24.90 1.07
C SER E 90 2.01 -24.36 -0.23
N GLY E 91 0.70 -24.51 -0.37
CA GLY E 91 0.05 -24.20 -1.62
C GLY E 91 0.10 -25.32 -2.64
N SER E 92 0.74 -26.44 -2.32
CA SER E 92 0.88 -27.57 -3.23
C SER E 92 1.43 -27.14 -4.59
N GLY E 93 2.26 -26.10 -4.61
CA GLY E 93 2.78 -25.55 -5.83
C GLY E 93 4.16 -26.03 -6.22
N THR E 94 4.84 -26.75 -5.34
CA THR E 94 6.17 -27.27 -5.62
C THR E 94 6.28 -28.67 -5.04
N ILE E 95 6.68 -29.63 -5.87
CA ILE E 95 6.84 -31.01 -5.45
C ILE E 95 8.20 -31.50 -5.91
N TYR E 96 8.84 -32.29 -5.06
CA TYR E 96 10.14 -32.88 -5.37
C TYR E 96 10.19 -34.31 -4.89
N TYR E 97 10.93 -35.13 -5.64
CA TYR E 97 11.06 -36.56 -5.36
C TYR E 97 12.52 -36.96 -5.44
N ALA E 98 12.85 -38.02 -4.71
CA ALA E 98 14.18 -38.61 -4.86
C ALA E 98 14.24 -39.40 -6.17
N ASP E 99 15.45 -39.50 -6.71
CA ASP E 99 15.62 -40.24 -7.95
C ASP E 99 15.29 -41.72 -7.79
N THR E 100 15.23 -42.21 -6.55
CA THR E 100 14.89 -43.61 -6.29
C THR E 100 13.40 -43.86 -6.28
N VAL E 101 12.57 -42.82 -6.28
CA VAL E 101 11.12 -42.96 -6.21
C VAL E 101 10.40 -42.14 -7.27
N LYS E 102 11.10 -41.37 -8.09
CA LYS E 102 10.45 -40.51 -9.05
C LYS E 102 9.56 -41.33 -9.97
N GLY E 103 8.34 -40.86 -10.18
CA GLY E 103 7.37 -41.57 -11.00
C GLY E 103 6.56 -42.61 -10.28
N ARG E 104 7.22 -43.49 -9.52
CA ARG E 104 6.50 -44.50 -8.78
C ARG E 104 5.67 -43.89 -7.65
N PHE E 105 6.27 -42.99 -6.88
CA PHE E 105 5.60 -42.37 -5.76
C PHE E 105 5.07 -40.99 -6.15
N THR E 106 3.93 -40.63 -5.56
CA THR E 106 3.38 -39.30 -5.68
C THR E 106 3.01 -38.80 -4.28
N ILE E 107 3.08 -37.48 -4.11
CA ILE E 107 2.80 -36.83 -2.83
C ILE E 107 1.67 -35.85 -3.03
N SER E 108 0.67 -35.91 -2.16
CA SER E 108 -0.47 -35.01 -2.22
C SER E 108 -0.83 -34.58 -0.80
N ARG E 109 -1.63 -33.52 -0.70
CA ARG E 109 -2.05 -33.00 0.58
C ARG E 109 -3.48 -32.51 0.52
N ASP E 110 -4.23 -32.73 1.60
CA ASP E 110 -5.59 -32.24 1.77
C ASP E 110 -5.56 -31.30 2.97
N ASP E 111 -5.40 -30.00 2.69
CA ASP E 111 -5.45 -29.01 3.75
C ASP E 111 -6.79 -28.94 4.45
N PRO E 112 -7.93 -29.00 3.74
CA PRO E 112 -9.22 -28.89 4.44
C PRO E 112 -9.40 -29.85 5.59
N LYS E 113 -8.90 -31.08 5.49
CA LYS E 113 -8.98 -32.03 6.59
C LYS E 113 -7.60 -32.45 7.08
N ASN E 114 -6.59 -31.62 6.82
CA ASN E 114 -5.27 -31.74 7.44
C ASN E 114 -4.74 -33.16 7.35
N THR E 115 -4.51 -33.61 6.11
CA THR E 115 -3.90 -34.91 5.89
C THR E 115 -2.88 -34.81 4.77
N LEU E 116 -1.86 -35.64 4.83
CA LEU E 116 -0.82 -35.68 3.81
C LEU E 116 -0.62 -37.11 3.34
N PHE E 117 -0.71 -37.32 2.02
CA PHE E 117 -0.74 -38.64 1.42
C PHE E 117 0.50 -38.89 0.58
N LEU E 118 0.99 -40.12 0.64
CA LEU E 118 2.05 -40.61 -0.24
C LEU E 118 1.53 -41.88 -0.91
N GLN E 119 1.24 -41.78 -2.20
CA GLN E 119 0.82 -42.95 -2.97
C GLN E 119 2.05 -43.64 -3.54
N MET E 120 2.25 -44.91 -3.17
CA MET E 120 3.37 -45.70 -3.68
C MET E 120 2.74 -46.65 -4.66
N THR E 121 3.18 -46.66 -5.92
CA THR E 121 2.51 -47.41 -6.98
C THR E 121 3.22 -48.73 -7.25
N SER E 122 4.55 -48.69 -7.38
CA SER E 122 5.34 -49.90 -7.55
C SER E 122 6.27 -50.01 -6.35
N LEU E 123 6.45 -51.25 -5.88
CA LEU E 123 7.26 -51.47 -4.70
C LEU E 123 8.27 -52.57 -4.87
N ARG E 124 9.35 -52.48 -4.12
CA ARG E 124 10.40 -53.48 -4.14
C ARG E 124 11.00 -53.56 -2.74
N SER E 125 11.94 -54.50 -2.56
CA SER E 125 12.49 -54.76 -1.24
C SER E 125 13.17 -53.52 -0.66
N GLU E 126 13.71 -52.65 -1.53
CA GLU E 126 14.43 -51.48 -1.04
C GLU E 126 13.51 -50.40 -0.50
N ASP E 127 12.20 -50.54 -0.66
CA ASP E 127 11.25 -49.63 -0.04
C ASP E 127 10.87 -50.04 1.37
N THR E 128 11.27 -51.24 1.81
CA THR E 128 11.02 -51.68 3.18
C THR E 128 11.65 -50.71 4.17
N ALA E 129 10.83 -49.99 4.93
CA ALA E 129 11.40 -48.97 5.82
C ALA E 129 10.30 -48.38 6.69
N MET E 130 10.73 -47.62 7.69
CA MET E 130 9.85 -46.78 8.49
C MET E 130 9.77 -45.42 7.83
N TYR E 131 8.55 -44.96 7.56
CA TYR E 131 8.33 -43.69 6.87
C TYR E 131 7.88 -42.66 7.88
N TYR E 132 8.60 -41.54 7.94
CA TYR E 132 8.29 -40.41 8.80
C TYR E 132 7.81 -39.23 7.98
N CYS E 133 6.98 -38.40 8.61
CA CYS E 133 6.49 -37.17 8.02
C CYS E 133 7.03 -35.99 8.82
N VAL E 134 7.62 -35.02 8.13
CA VAL E 134 8.34 -33.93 8.76
C VAL E 134 7.79 -32.61 8.22
N ARG E 135 7.39 -31.72 9.12
CA ARG E 135 6.95 -30.40 8.72
C ARG E 135 8.13 -29.48 8.56
N SER E 136 8.01 -28.52 7.62
CA SER E 136 9.11 -27.60 7.34
C SER E 136 8.54 -26.29 6.80
N ILE E 137 8.61 -25.23 7.60
CA ILE E 137 8.10 -23.91 7.23
C ILE E 137 9.29 -23.03 6.87
N TYR E 138 9.20 -22.34 5.73
CA TYR E 138 10.32 -21.60 5.16
C TYR E 138 10.01 -20.12 5.14
N TYR E 139 10.77 -19.36 5.93
CA TYR E 139 10.83 -17.91 5.85
C TYR E 139 12.08 -17.48 6.58
N TYR E 140 12.40 -16.19 6.51
CA TYR E 140 13.61 -15.71 7.13
C TYR E 140 13.60 -16.02 8.62
N GLY E 141 14.64 -16.72 9.08
CA GLY E 141 14.76 -17.05 10.48
C GLY E 141 13.93 -18.23 10.93
N SER E 142 13.39 -19.00 10.00
CA SER E 142 12.50 -20.10 10.35
C SER E 142 13.31 -21.26 10.92
N SER E 143 12.62 -22.33 11.29
CA SER E 143 13.23 -23.53 11.86
C SER E 143 12.69 -24.74 11.10
N PRO E 144 13.15 -24.96 9.87
CA PRO E 144 12.67 -26.10 9.10
C PRO E 144 12.99 -27.42 9.76
N PHE E 145 12.14 -28.42 9.48
CA PHE E 145 12.33 -29.79 9.98
C PHE E 145 12.20 -29.88 11.49
N ASP E 146 11.42 -28.97 12.08
CA ASP E 146 11.34 -28.89 13.54
C ASP E 146 10.65 -30.11 14.14
N PHE E 147 9.51 -30.50 13.59
CA PHE E 147 8.69 -31.57 14.17
C PHE E 147 8.69 -32.79 13.25
N TRP E 148 8.72 -33.97 13.87
CA TRP E 148 8.73 -35.24 13.15
C TRP E 148 7.60 -36.13 13.67
N GLY E 149 7.10 -37.00 12.80
CA GLY E 149 6.09 -37.97 13.18
C GLY E 149 6.69 -39.23 13.75
N GLN E 150 5.80 -40.11 14.23
CA GLN E 150 6.25 -41.36 14.83
C GLN E 150 6.64 -42.38 13.76
N GLY E 151 5.93 -42.40 12.65
CA GLY E 151 6.32 -43.18 11.50
C GLY E 151 5.49 -44.44 11.34
N THR E 152 5.46 -44.95 10.11
CA THR E 152 4.73 -46.17 9.79
C THR E 152 5.68 -47.14 9.10
N THR E 153 5.66 -48.40 9.56
CA THR E 153 6.48 -49.43 8.95
C THR E 153 5.82 -49.97 7.70
N LEU E 154 6.59 -50.05 6.61
CA LEU E 154 6.14 -50.67 5.38
C LEU E 154 7.13 -51.77 5.02
N THR E 155 6.64 -53.00 4.90
CA THR E 155 7.47 -54.14 4.58
C THR E 155 7.06 -54.70 3.24
N VAL E 156 8.03 -54.89 2.36
CA VAL E 156 7.82 -55.47 1.04
C VAL E 156 8.48 -56.85 1.05
N SER E 157 7.64 -57.89 1.03
CA SER E 157 8.13 -59.27 1.14
C SER E 157 9.18 -59.56 0.07
N SER E 173 24.41 -38.59 -9.50
CA SER E 173 25.78 -38.47 -8.99
C SER E 173 26.08 -37.04 -8.55
N ALA E 174 25.28 -36.09 -9.03
CA ALA E 174 25.44 -34.70 -8.65
C ALA E 174 24.98 -34.42 -7.24
N ASP E 175 24.32 -35.37 -6.59
CA ASP E 175 23.84 -35.17 -5.22
C ASP E 175 25.00 -34.93 -4.27
N ILE E 176 24.81 -34.02 -3.33
CA ILE E 176 25.83 -33.74 -2.34
C ILE E 176 25.96 -34.92 -1.40
N VAL E 177 27.19 -35.30 -1.08
CA VAL E 177 27.47 -36.47 -0.26
C VAL E 177 27.92 -35.99 1.11
N MET E 178 27.22 -36.43 2.15
CA MET E 178 27.57 -36.12 3.53
C MET E 178 28.23 -37.35 4.15
N THR E 179 29.41 -37.15 4.72
CA THR E 179 30.19 -38.23 5.32
C THR E 179 30.37 -37.95 6.80
N GLN E 180 30.01 -38.92 7.63
CA GLN E 180 30.20 -38.84 9.07
C GLN E 180 31.24 -39.87 9.48
N ALA E 181 32.32 -39.38 10.11
CA ALA E 181 33.58 -40.11 10.10
C ALA E 181 33.42 -41.52 10.65
N THR E 182 32.86 -41.66 11.85
CA THR E 182 32.87 -42.93 12.57
C THR E 182 31.44 -43.40 12.80
N SER E 183 31.27 -44.73 12.73
CA SER E 183 29.94 -45.30 12.92
C SER E 183 29.44 -45.10 14.34
N SER E 184 30.37 -45.05 15.31
CA SER E 184 29.98 -44.94 16.71
C SER E 184 31.15 -44.36 17.51
N VAL E 185 30.83 -43.86 18.69
CA VAL E 185 31.83 -43.29 19.59
C VAL E 185 31.51 -43.70 21.02
N PRO E 186 32.43 -44.28 21.78
CA PRO E 186 32.16 -44.55 23.19
C PRO E 186 32.22 -43.28 24.01
N VAL E 187 31.21 -43.09 24.87
CA VAL E 187 31.06 -41.86 25.64
C VAL E 187 30.78 -42.23 27.09
N THR E 188 31.05 -41.26 27.97
CA THR E 188 30.77 -41.38 29.39
C THR E 188 30.02 -40.15 29.87
N PRO E 189 29.07 -40.30 30.80
CA PRO E 189 28.30 -39.14 31.25
C PRO E 189 29.20 -38.09 31.88
N GLY E 190 28.84 -36.82 31.67
CA GLY E 190 29.53 -35.71 32.27
C GLY E 190 30.64 -35.09 31.43
N GLU E 191 31.06 -35.76 30.36
CA GLU E 191 32.12 -35.27 29.50
C GLU E 191 31.52 -34.62 28.25
N SER E 192 32.39 -34.09 27.41
CA SER E 192 31.99 -33.42 26.18
C SER E 192 32.38 -34.25 24.97
N VAL E 193 31.51 -34.27 23.97
CA VAL E 193 31.70 -35.13 22.80
C VAL E 193 31.47 -34.30 21.54
N SER E 194 32.30 -34.53 20.54
CA SER E 194 32.21 -33.83 19.25
C SER E 194 31.95 -34.83 18.14
N ILE E 195 30.98 -34.50 17.29
CA ILE E 195 30.63 -35.30 16.11
C ILE E 195 31.01 -34.50 14.88
N SER E 196 31.64 -35.18 13.92
CA SER E 196 32.18 -34.53 12.74
C SER E 196 31.39 -34.91 11.50
N CYS E 197 31.19 -33.93 10.61
CA CYS E 197 30.52 -34.15 9.34
C CYS E 197 31.28 -33.42 8.24
N ARG E 198 31.27 -34.02 7.05
CA ARG E 198 31.93 -33.43 5.88
C ARG E 198 30.95 -33.42 4.71
N SER E 199 31.01 -32.36 3.91
CA SER E 199 30.17 -32.21 2.74
C SER E 199 31.04 -32.22 1.48
N SER E 200 30.54 -32.85 0.43
CA SER E 200 31.26 -32.86 -0.84
C SER E 200 31.27 -31.48 -1.49
N LYS E 201 30.28 -30.65 -1.22
CA LYS E 201 30.16 -29.32 -1.80
C LYS E 201 29.93 -28.32 -0.68
N SER E 202 30.56 -27.15 -0.80
CA SER E 202 30.41 -26.13 0.23
C SER E 202 28.95 -25.73 0.38
N LEU E 203 28.48 -25.71 1.62
CA LEU E 203 27.10 -25.36 1.94
C LEU E 203 26.93 -23.88 2.23
N LEU E 204 28.00 -23.09 2.11
CA LEU E 204 27.92 -21.66 2.35
C LEU E 204 27.43 -20.98 1.08
N HIS E 205 26.19 -20.53 1.11
CA HIS E 205 25.60 -19.86 -0.04
C HIS E 205 26.06 -18.41 -0.08
N SER E 206 25.72 -17.73 -1.19
CA SER E 206 26.08 -16.32 -1.34
C SER E 206 25.38 -15.44 -0.32
N ASN E 207 24.31 -15.93 0.30
CA ASN E 207 23.58 -15.16 1.31
C ASN E 207 24.09 -15.40 2.72
N GLY E 208 25.17 -16.17 2.87
CA GLY E 208 25.80 -16.34 4.17
C GLY E 208 25.22 -17.44 5.03
N ASN E 209 24.29 -18.23 4.52
CA ASN E 209 23.64 -19.27 5.30
C ASN E 209 24.29 -20.61 5.01
N THR E 210 24.90 -21.21 6.04
CA THR E 210 25.44 -22.56 5.94
C THR E 210 24.30 -23.53 6.22
N TYR E 211 23.80 -24.17 5.16
CA TYR E 211 22.59 -24.98 5.24
C TYR E 211 22.92 -26.40 5.67
N LEU E 212 23.32 -26.54 6.94
CA LEU E 212 23.50 -27.84 7.56
C LEU E 212 22.56 -27.96 8.74
N TYR E 213 21.94 -29.13 8.87
CA TYR E 213 21.00 -29.42 9.94
C TYR E 213 21.46 -30.67 10.68
N TRP E 214 21.17 -30.72 11.97
CA TRP E 214 21.53 -31.83 12.84
C TRP E 214 20.28 -32.40 13.48
N PHE E 215 20.24 -33.72 13.58
CA PHE E 215 19.10 -34.43 14.17
C PHE E 215 19.62 -35.49 15.13
N LEU E 216 18.83 -35.77 16.16
CA LEU E 216 19.14 -36.81 17.13
C LEU E 216 17.98 -37.78 17.18
N GLN E 217 18.26 -39.06 16.97
CA GLN E 217 17.27 -40.13 17.05
C GLN E 217 17.61 -40.97 18.26
N ARG E 218 16.77 -40.88 19.28
CA ARG E 218 16.95 -41.69 20.47
C ARG E 218 16.44 -43.11 20.21
N PRO E 219 16.90 -44.09 20.99
CA PRO E 219 16.44 -45.46 20.76
C PRO E 219 14.93 -45.59 20.83
N GLY E 220 14.30 -45.94 19.72
CA GLY E 220 12.88 -46.18 19.69
C GLY E 220 12.01 -44.95 19.56
N GLN E 221 12.58 -43.82 19.17
CA GLN E 221 11.82 -42.59 18.99
C GLN E 221 12.15 -41.97 17.64
N SER E 222 11.39 -40.95 17.28
CA SER E 222 11.57 -40.26 16.01
C SER E 222 12.66 -39.21 16.12
N PRO E 223 13.25 -38.82 14.99
CA PRO E 223 14.31 -37.80 15.02
C PRO E 223 13.79 -36.47 15.55
N GLN E 224 14.68 -35.75 16.24
CA GLN E 224 14.38 -34.43 16.77
C GLN E 224 15.44 -33.45 16.31
N LEU E 225 15.01 -32.27 15.91
CA LEU E 225 15.94 -31.26 15.44
C LEU E 225 16.75 -30.69 16.60
N LEU E 226 18.04 -30.49 16.36
CA LEU E 226 18.94 -29.86 17.31
C LEU E 226 19.47 -28.52 16.82
N ILE E 227 19.98 -28.48 15.60
CA ILE E 227 20.53 -27.27 15.00
C ILE E 227 20.04 -27.23 13.55
N TYR E 228 19.65 -26.06 13.06
CA TYR E 228 19.04 -26.00 11.74
C TYR E 228 19.82 -25.22 10.69
N ARG E 229 20.80 -24.40 11.07
CA ARG E 229 21.69 -23.82 10.08
C ARG E 229 23.13 -23.79 10.59
N MET E 230 23.56 -24.90 11.19
CA MET E 230 24.94 -25.13 11.61
C MET E 230 25.27 -24.33 12.87
N SER E 231 24.40 -23.40 13.26
CA SER E 231 24.64 -22.61 14.46
C SER E 231 23.41 -22.38 15.32
N ASN E 232 22.20 -22.49 14.78
CA ASN E 232 21.01 -22.06 15.49
C ASN E 232 20.38 -23.24 16.23
N LEU E 233 20.15 -23.06 17.52
CA LEU E 233 19.60 -24.11 18.36
C LEU E 233 18.08 -24.11 18.25
N ALA E 234 17.51 -25.28 17.97
CA ALA E 234 16.07 -25.40 17.83
C ALA E 234 15.38 -25.21 19.18
N SER E 235 14.13 -24.79 19.12
CA SER E 235 13.37 -24.55 20.34
C SER E 235 13.20 -25.85 21.12
N GLY E 236 13.37 -25.75 22.43
CA GLY E 236 13.23 -26.90 23.31
C GLY E 236 14.46 -27.77 23.42
N VAL E 237 15.58 -27.37 22.85
CA VAL E 237 16.81 -28.14 22.88
C VAL E 237 17.72 -27.55 23.96
N PRO E 238 18.33 -28.37 24.82
CA PRO E 238 19.19 -27.82 25.86
C PRO E 238 20.39 -27.07 25.29
N ASP E 239 20.82 -26.05 26.03
CA ASP E 239 21.91 -25.19 25.58
C ASP E 239 23.20 -25.96 25.42
N ARG E 240 23.33 -27.13 26.06
CA ARG E 240 24.58 -27.87 26.03
C ARG E 240 25.00 -28.21 24.60
N PHE E 241 24.06 -28.29 23.66
CA PHE E 241 24.37 -28.58 22.28
C PHE E 241 24.84 -27.31 21.56
N SER E 242 25.93 -27.42 20.81
CA SER E 242 26.44 -26.32 20.01
C SER E 242 26.91 -26.86 18.67
N GLY E 243 26.96 -25.97 17.68
CA GLY E 243 27.37 -26.38 16.35
C GLY E 243 28.21 -25.34 15.64
N SER E 244 29.33 -25.77 15.08
CA SER E 244 30.23 -24.89 14.35
C SER E 244 30.58 -25.52 13.01
N GLY E 245 31.13 -24.72 12.11
CA GLY E 245 31.48 -25.22 10.80
C GLY E 245 32.30 -24.22 10.03
N SER E 246 32.78 -24.66 8.86
CA SER E 246 33.64 -23.85 8.01
C SER E 246 33.23 -23.90 6.55
N GLY E 247 32.01 -24.33 6.25
CA GLY E 247 31.51 -24.41 4.90
C GLY E 247 31.62 -25.79 4.27
N THR E 248 32.59 -26.60 4.69
CA THR E 248 32.69 -27.98 4.22
C THR E 248 32.97 -29.00 5.32
N ALA E 249 33.36 -28.57 6.52
CA ALA E 249 33.56 -29.46 7.65
C ALA E 249 32.86 -28.87 8.86
N PHE E 250 32.04 -29.68 9.53
CA PHE E 250 31.19 -29.19 10.60
C PHE E 250 31.32 -30.09 11.82
N THR E 251 31.06 -29.50 12.99
CA THR E 251 31.20 -30.19 14.25
C THR E 251 30.02 -29.85 15.16
N LEU E 252 29.46 -30.88 15.78
CA LEU E 252 28.42 -30.74 16.79
C LEU E 252 28.99 -31.16 18.14
N THR E 253 28.95 -30.26 19.11
CA THR E 253 29.53 -30.50 20.43
C THR E 253 28.43 -30.59 21.47
N ILE E 254 28.47 -31.64 22.27
CA ILE E 254 27.64 -31.79 23.45
C ILE E 254 28.53 -31.56 24.65
N SER E 255 28.18 -30.56 25.47
CA SER E 255 29.04 -30.17 26.57
C SER E 255 29.10 -31.24 27.65
N ARG E 256 27.94 -31.73 28.08
CA ARG E 256 27.87 -32.76 29.11
C ARG E 256 26.90 -33.84 28.65
N LEU E 257 27.41 -35.06 28.52
CA LEU E 257 26.55 -36.17 28.14
C LEU E 257 25.53 -36.47 29.23
N GLU E 258 24.40 -37.04 28.82
CA GLU E 258 23.36 -37.45 29.74
C GLU E 258 22.65 -38.66 29.15
N ALA E 259 21.77 -39.25 29.96
CA ALA E 259 21.03 -40.43 29.49
C ALA E 259 20.21 -40.11 28.25
N GLU E 260 19.75 -38.87 28.12
CA GLU E 260 18.93 -38.49 26.97
C GLU E 260 19.74 -38.37 25.68
N ASP E 261 21.04 -38.08 25.80
CA ASP E 261 21.88 -37.86 24.62
C ASP E 261 22.28 -39.14 23.90
N VAL E 262 22.02 -40.30 24.49
CA VAL E 262 22.39 -41.57 23.89
C VAL E 262 21.50 -41.79 22.68
N GLY E 263 22.12 -42.02 21.52
CA GLY E 263 21.35 -42.17 20.29
C GLY E 263 22.21 -41.89 19.08
N VAL E 264 21.54 -41.85 17.92
CA VAL E 264 22.23 -41.71 16.63
C VAL E 264 22.04 -40.28 16.14
N TYR E 265 23.14 -39.62 15.79
CA TYR E 265 23.13 -38.24 15.35
C TYR E 265 23.34 -38.20 13.84
N TYR E 266 22.44 -37.49 13.16
CA TYR E 266 22.44 -37.40 11.70
C TYR E 266 22.67 -35.97 11.26
N CYS E 267 23.37 -35.80 10.15
CA CYS E 267 23.56 -34.51 9.51
C CYS E 267 22.81 -34.48 8.19
N MET E 268 22.37 -33.29 7.80
CA MET E 268 21.59 -33.12 6.59
C MET E 268 21.95 -31.78 5.95
N GLN E 269 21.75 -31.71 4.63
CA GLN E 269 22.03 -30.50 3.86
C GLN E 269 20.77 -30.03 3.17
N HIS E 270 20.56 -28.71 3.17
CA HIS E 270 19.40 -28.11 2.52
C HIS E 270 19.84 -27.10 1.48
N LEU E 271 20.93 -27.39 0.79
CA LEU E 271 21.38 -26.54 -0.32
C LEU E 271 20.66 -26.88 -1.61
N GLU E 272 20.79 -28.12 -2.08
CA GLU E 272 20.08 -28.60 -3.25
C GLU E 272 19.03 -29.61 -2.79
N TYR E 273 17.84 -29.49 -3.35
CA TYR E 273 16.66 -30.07 -2.72
C TYR E 273 16.70 -31.59 -2.67
N PRO E 274 17.52 -32.28 -3.47
CA PRO E 274 17.77 -33.70 -3.16
C PRO E 274 18.51 -33.83 -1.83
N LEU E 275 17.78 -33.63 -0.73
CA LEU E 275 18.40 -33.56 0.58
C LEU E 275 19.09 -34.88 0.91
N THR E 276 20.28 -34.79 1.47
CA THR E 276 21.11 -35.95 1.72
C THR E 276 21.48 -36.01 3.20
N PHE E 277 21.31 -37.18 3.80
CA PHE E 277 21.73 -37.44 5.15
C PHE E 277 23.00 -38.28 5.13
N GLY E 278 23.72 -38.28 6.24
CA GLY E 278 24.87 -39.12 6.41
C GLY E 278 24.60 -40.24 7.39
N ALA E 279 25.39 -41.31 7.28
CA ALA E 279 25.27 -42.41 8.23
C ALA E 279 25.63 -41.88 9.61
N GLY E 280 24.61 -41.71 10.45
CA GLY E 280 24.82 -40.98 11.69
C GLY E 280 25.81 -41.68 12.61
N THR E 281 26.26 -40.92 13.61
CA THR E 281 27.18 -41.44 14.62
C THR E 281 26.38 -41.88 15.84
N LYS E 282 26.63 -43.10 16.30
CA LYS E 282 25.88 -43.67 17.41
C LYS E 282 26.65 -43.46 18.71
N LEU E 283 26.07 -42.67 19.62
CA LEU E 283 26.63 -42.45 20.94
C LEU E 283 25.93 -43.42 21.89
N GLU E 284 26.67 -44.43 22.33
CA GLU E 284 26.17 -45.45 23.24
C GLU E 284 27.23 -45.72 24.30
N LEU E 285 26.77 -46.28 25.43
CA LEU E 285 27.66 -46.58 26.54
C LEU E 285 27.14 -47.77 27.34
N SER F 136 -0.07 15.77 -61.35
CA SER F 136 1.18 15.20 -60.78
C SER F 136 1.76 16.11 -59.71
N THR F 137 1.43 17.40 -59.78
CA THR F 137 1.91 18.35 -58.78
C THR F 137 1.24 18.11 -57.43
N ALA F 138 -0.09 17.98 -57.43
CA ALA F 138 -0.81 17.80 -56.18
C ALA F 138 -0.31 16.58 -55.42
N ALA F 139 0.12 15.54 -56.13
CA ALA F 139 0.70 14.38 -55.45
C ALA F 139 1.99 14.75 -54.73
N LYS F 140 2.84 15.53 -55.39
CA LYS F 140 4.09 15.95 -54.75
C LYS F 140 3.80 16.88 -53.57
N ILE F 141 2.67 17.58 -53.59
CA ILE F 141 2.26 18.33 -52.40
C ILE F 141 1.79 17.37 -51.32
N ARG F 142 0.98 16.40 -51.71
CA ARG F 142 0.44 15.44 -50.77
C ARG F 142 1.54 14.76 -49.97
N VAL F 143 2.61 14.34 -50.65
CA VAL F 143 3.68 13.64 -49.95
C VAL F 143 4.25 14.53 -48.84
N ALA F 144 4.39 15.83 -49.12
CA ALA F 144 4.91 16.75 -48.12
C ALA F 144 3.93 16.92 -46.96
N ILE F 145 2.64 17.05 -47.26
CA ILE F 145 1.66 17.18 -46.18
C ILE F 145 1.64 15.92 -45.33
N THR F 146 1.77 14.75 -45.96
CA THR F 146 1.84 13.51 -45.21
C THR F 146 3.07 13.46 -44.32
N CYS F 147 4.21 13.92 -44.83
CA CYS F 147 5.42 13.93 -44.00
C CYS F 147 5.27 14.85 -42.80
N VAL F 148 4.73 16.06 -43.01
CA VAL F 148 4.57 16.98 -41.89
C VAL F 148 3.54 16.43 -40.91
N LEU F 149 2.51 15.75 -41.41
CA LEU F 149 1.56 15.09 -40.52
C LEU F 149 2.25 14.01 -39.71
N PHE F 150 3.15 13.25 -40.33
CA PHE F 150 3.96 12.28 -39.59
C PHE F 150 4.68 12.96 -38.44
N ILE F 151 5.36 14.06 -38.74
CA ILE F 151 6.14 14.74 -37.71
C ILE F 151 5.23 15.22 -36.58
N PHE F 152 4.14 15.92 -36.92
CA PHE F 152 3.27 16.47 -35.90
C PHE F 152 2.61 15.37 -35.08
N SER F 153 2.15 14.30 -35.74
CA SER F 153 1.49 13.22 -35.03
C SER F 153 2.45 12.52 -34.09
N ALA F 154 3.67 12.24 -34.53
CA ALA F 154 4.64 11.62 -33.64
C ALA F 154 4.89 12.52 -32.44
N CYS F 155 5.08 13.82 -32.69
CA CYS F 155 5.33 14.75 -31.59
C CYS F 155 4.19 14.73 -30.59
N PHE F 156 2.96 14.90 -31.08
CA PHE F 156 1.82 14.97 -30.18
C PHE F 156 1.60 13.66 -29.43
N ASN F 157 1.69 12.53 -30.13
CA ASN F 157 1.46 11.24 -29.48
C ASN F 157 2.50 11.00 -28.39
N ILE F 158 3.77 11.22 -28.69
CA ILE F 158 4.81 11.00 -27.70
C ILE F 158 4.65 11.97 -26.53
N ALA F 159 4.33 13.24 -26.83
CA ALA F 159 4.18 14.23 -25.78
C ALA F 159 3.02 13.87 -24.85
N ALA F 160 1.90 13.44 -25.43
CA ALA F 160 0.75 13.05 -24.61
C ALA F 160 1.07 11.81 -23.79
N LEU F 161 1.79 10.86 -24.38
CA LEU F 161 2.16 9.65 -23.64
C LEU F 161 3.04 10.02 -22.44
N TRP F 162 3.98 10.94 -22.64
CA TRP F 162 4.81 11.40 -21.53
C TRP F 162 3.97 12.17 -20.51
N THR F 163 3.05 13.01 -20.97
CA THR F 163 2.30 13.89 -20.08
C THR F 163 1.29 13.11 -19.25
N ILE F 164 0.86 11.94 -19.74
CA ILE F 164 -0.05 11.12 -18.96
C ILE F 164 0.64 10.62 -17.70
N THR F 165 1.97 10.54 -17.71
CA THR F 165 2.69 10.13 -16.51
C THR F 165 2.61 11.18 -15.41
N TYR F 166 2.30 12.43 -15.76
CA TYR F 166 2.13 13.51 -14.79
C TYR F 166 0.67 13.80 -14.48
N LYS F 167 -0.18 13.87 -15.51
CA LYS F 167 -1.59 14.15 -15.30
C LYS F 167 -2.24 13.07 -14.45
N TYR F 168 -1.91 11.81 -14.72
CA TYR F 168 -2.43 10.66 -14.00
C TYR F 168 -1.29 9.86 -13.41
N LYS F 169 -0.34 10.55 -12.75
CA LYS F 169 0.82 9.87 -12.19
C LYS F 169 0.38 8.72 -11.29
N LYS F 170 -0.75 8.87 -10.61
CA LYS F 170 -1.43 7.74 -10.00
C LYS F 170 -2.14 6.94 -11.08
N LYS F 171 -1.89 5.63 -11.13
CA LYS F 171 -2.43 4.82 -12.20
C LYS F 171 -3.96 4.79 -12.13
N SER F 172 -4.59 4.88 -13.31
CA SER F 172 -6.04 4.90 -13.40
C SER F 172 -6.46 4.31 -14.73
N HIS F 173 -7.72 3.87 -14.79
CA HIS F 173 -8.24 3.27 -16.02
C HIS F 173 -8.22 4.25 -17.18
N ILE F 174 -8.33 5.55 -16.88
CA ILE F 174 -8.23 6.56 -17.94
C ILE F 174 -6.86 6.48 -18.58
N ARG F 175 -5.83 6.24 -17.78
CA ARG F 175 -4.48 6.08 -18.33
C ARG F 175 -4.42 4.88 -19.27
N ILE F 176 -5.04 3.77 -18.89
CA ILE F 176 -5.03 2.58 -19.73
C ILE F 176 -5.71 2.89 -21.06
N LEU F 177 -6.89 3.50 -21.01
CA LEU F 177 -7.60 3.80 -22.26
C LEU F 177 -6.81 4.78 -23.12
N ILE F 178 -6.21 5.80 -22.51
CA ILE F 178 -5.52 6.83 -23.27
C ILE F 178 -4.27 6.25 -23.92
N ILE F 179 -3.51 5.43 -23.18
CA ILE F 179 -2.32 4.85 -23.78
C ILE F 179 -2.69 3.85 -24.86
N ASN F 180 -3.81 3.14 -24.71
CA ASN F 180 -4.24 2.26 -25.79
C ASN F 180 -4.61 3.06 -27.04
N LEU F 181 -5.31 4.18 -26.87
CA LEU F 181 -5.62 5.01 -28.03
C LEU F 181 -4.34 5.55 -28.66
N VAL F 182 -3.38 5.97 -27.85
CA VAL F 182 -2.12 6.47 -28.39
C VAL F 182 -1.36 5.36 -29.09
N ALA F 183 -1.47 4.13 -28.60
CA ALA F 183 -0.81 3.00 -29.26
C ALA F 183 -1.41 2.74 -30.62
N ALA F 184 -2.75 2.72 -30.71
CA ALA F 184 -3.39 2.56 -32.00
C ALA F 184 -3.02 3.70 -32.93
N ASP F 185 -2.98 4.92 -32.41
CA ASP F 185 -2.66 6.08 -33.23
C ASP F 185 -1.23 6.02 -33.73
N LEU F 186 -0.29 5.56 -32.88
CA LEU F 186 1.10 5.40 -33.32
C LEU F 186 1.24 4.30 -34.35
N PHE F 187 0.47 3.23 -34.21
CA PHE F 187 0.49 2.18 -35.22
C PHE F 187 0.03 2.74 -36.56
N ILE F 188 -1.05 3.52 -36.54
CA ILE F 188 -1.47 4.24 -37.74
C ILE F 188 -0.34 5.11 -38.26
N THR F 189 0.28 5.89 -37.37
CA THR F 189 1.29 6.84 -37.81
C THR F 189 2.46 6.14 -38.48
N LEU F 190 2.87 4.99 -37.94
CA LEU F 190 4.07 4.32 -38.39
C LEU F 190 3.84 3.34 -39.52
N VAL F 191 2.59 3.01 -39.87
CA VAL F 191 2.30 2.17 -41.03
C VAL F 191 1.62 2.96 -42.14
N VAL F 192 0.53 3.65 -41.83
CA VAL F 192 -0.28 4.28 -42.86
C VAL F 192 0.51 5.34 -43.61
N MET F 193 1.20 6.22 -42.88
CA MET F 193 1.89 7.33 -43.56
C MET F 193 2.97 6.80 -44.50
N PRO F 194 3.87 5.92 -44.02
CA PRO F 194 4.87 5.40 -44.95
C PRO F 194 4.26 4.82 -46.21
N LEU F 195 3.16 4.07 -46.07
CA LEU F 195 2.49 3.53 -47.24
C LEU F 195 2.05 4.65 -48.16
N ASP F 196 1.46 5.69 -47.58
CA ASP F 196 0.94 6.78 -48.40
C ASP F 196 2.06 7.46 -49.16
N ALA F 197 3.16 7.81 -48.48
CA ALA F 197 4.24 8.50 -49.16
C ALA F 197 4.84 7.62 -50.26
N VAL F 198 5.22 6.39 -49.91
CA VAL F 198 5.88 5.52 -50.87
C VAL F 198 5.00 5.29 -52.08
N TRP F 199 3.71 5.06 -51.86
CA TRP F 199 2.82 4.78 -52.98
C TRP F 199 2.61 6.05 -53.79
N ASN F 200 2.55 7.19 -53.12
CA ASN F 200 2.38 8.45 -53.83
C ASN F 200 3.51 8.67 -54.83
N VAL F 201 4.74 8.32 -54.45
CA VAL F 201 5.85 8.46 -55.38
C VAL F 201 5.87 7.30 -56.39
N THR F 202 6.00 6.07 -55.90
CA THR F 202 6.09 4.88 -56.76
C THR F 202 4.69 4.41 -57.09
N LEU F 203 4.11 4.91 -58.17
CA LEU F 203 2.72 4.56 -58.47
C LEU F 203 2.47 3.07 -58.54
N GLN F 204 3.47 2.28 -58.95
CA GLN F 204 3.30 0.84 -58.96
C GLN F 204 3.87 0.27 -57.67
N TRP F 205 3.15 -0.70 -57.10
CA TRP F 205 3.41 -1.17 -55.74
C TRP F 205 4.60 -2.11 -55.78
N TYR F 206 5.81 -1.51 -55.83
CA TYR F 206 7.02 -2.27 -56.20
C TYR F 206 7.36 -3.45 -55.27
N ALA F 207 6.67 -3.59 -54.14
CA ALA F 207 7.01 -4.66 -53.19
C ALA F 207 6.60 -6.04 -53.69
N GLY F 208 5.40 -6.19 -54.22
CA GLY F 208 4.91 -7.48 -54.69
C GLY F 208 3.50 -7.76 -54.21
N ASP F 209 3.12 -9.04 -54.29
CA ASP F 209 1.74 -9.45 -54.05
C ASP F 209 1.47 -9.64 -52.56
N LEU F 210 2.17 -10.58 -51.92
CA LEU F 210 1.94 -10.83 -50.51
C LEU F 210 2.26 -9.60 -49.68
N ALA F 211 3.25 -8.81 -50.12
CA ALA F 211 3.52 -7.54 -49.47
C ALA F 211 2.27 -6.67 -49.46
N CYS F 212 1.61 -6.55 -50.61
CA CYS F 212 0.37 -5.78 -50.66
C CYS F 212 -0.67 -6.35 -49.71
N ARG F 213 -0.84 -7.67 -49.73
CA ARG F 213 -1.89 -8.27 -48.92
C ARG F 213 -1.69 -7.93 -47.46
N VAL F 214 -0.49 -8.21 -46.93
CA VAL F 214 -0.26 -8.02 -45.51
C VAL F 214 -0.26 -6.54 -45.16
N LEU F 215 0.28 -5.68 -46.02
CA LEU F 215 0.37 -4.26 -45.69
C LEU F 215 -1.01 -3.60 -45.70
N MET F 216 -1.85 -3.94 -46.68
CA MET F 216 -3.22 -3.43 -46.68
C MET F 216 -3.99 -3.95 -45.47
N PHE F 217 -3.77 -5.21 -45.11
CA PHE F 217 -4.38 -5.75 -43.90
C PHE F 217 -3.96 -4.94 -42.68
N LEU F 218 -2.68 -4.60 -42.58
CA LEU F 218 -2.19 -3.81 -41.45
C LEU F 218 -2.83 -2.43 -41.43
N LYS F 219 -2.93 -1.79 -42.60
CA LYS F 219 -3.55 -0.46 -42.67
C LYS F 219 -4.98 -0.50 -42.15
N LEU F 220 -5.78 -1.45 -42.67
CA LEU F 220 -7.17 -1.53 -42.24
C LEU F 220 -7.27 -1.85 -40.76
N ALA F 221 -6.42 -2.76 -40.28
CA ALA F 221 -6.46 -3.12 -38.87
C ALA F 221 -6.13 -1.93 -37.98
N ALA F 222 -5.18 -1.10 -38.41
CA ALA F 222 -4.81 0.07 -37.63
C ALA F 222 -5.99 1.05 -37.54
N MET F 223 -6.63 1.31 -38.68
CA MET F 223 -7.75 2.25 -38.65
C MET F 223 -8.90 1.70 -37.82
N TYR F 224 -9.19 0.40 -37.95
CA TYR F 224 -10.23 -0.21 -37.13
C TYR F 224 -9.86 -0.12 -35.65
N SER F 225 -8.58 -0.30 -35.31
CA SER F 225 -8.17 -0.19 -33.92
C SER F 225 -8.43 1.19 -33.38
N SER F 226 -8.10 2.22 -34.15
CA SER F 226 -8.38 3.59 -33.71
C SER F 226 -9.87 3.77 -33.46
N ALA F 227 -10.70 3.36 -34.42
CA ALA F 227 -12.15 3.56 -34.27
C ALA F 227 -12.70 2.80 -33.07
N PHE F 228 -12.30 1.55 -32.90
CA PHE F 228 -12.86 0.75 -31.82
C PHE F 228 -12.37 1.23 -30.45
N VAL F 229 -11.13 1.71 -30.36
CA VAL F 229 -10.65 2.22 -29.09
C VAL F 229 -11.37 3.52 -28.73
N THR F 230 -11.63 4.38 -29.70
CA THR F 230 -12.40 5.58 -29.37
C THR F 230 -13.82 5.23 -28.95
N VAL F 231 -14.41 4.20 -29.58
CA VAL F 231 -15.73 3.73 -29.15
C VAL F 231 -15.67 3.23 -27.71
N VAL F 232 -14.61 2.51 -27.35
CA VAL F 232 -14.49 2.00 -25.99
C VAL F 232 -14.35 3.16 -25.00
N ILE F 233 -13.59 4.18 -25.37
CA ILE F 233 -13.47 5.35 -24.51
C ILE F 233 -14.83 5.99 -24.28
N SER F 234 -15.61 6.14 -25.34
CA SER F 234 -16.94 6.74 -25.20
C SER F 234 -17.84 5.90 -24.31
N LEU F 235 -17.81 4.57 -24.49
CA LEU F 235 -18.62 3.70 -23.63
C LEU F 235 -18.19 3.81 -22.18
N ASP F 236 -16.88 3.89 -21.93
CA ASP F 236 -16.40 4.01 -20.55
C ASP F 236 -16.86 5.32 -19.93
N ARG F 237 -16.79 6.42 -20.68
CA ARG F 237 -17.28 7.69 -20.15
C ARG F 237 -18.77 7.62 -19.84
N GLN F 238 -19.54 7.00 -20.73
CA GLN F 238 -20.97 6.84 -20.50
C GLN F 238 -21.23 6.01 -19.25
N ALA F 239 -20.48 4.94 -19.05
CA ALA F 239 -20.67 4.10 -17.86
C ALA F 239 -20.28 4.85 -16.60
N ALA F 240 -19.24 5.69 -16.68
CA ALA F 240 -18.80 6.43 -15.51
C ALA F 240 -19.83 7.47 -15.09
N ILE F 241 -20.46 8.13 -16.05
CA ILE F 241 -21.42 9.18 -15.70
C ILE F 241 -22.79 8.62 -15.38
N LEU F 242 -23.28 7.65 -16.17
CA LEU F 242 -24.62 7.11 -15.94
C LEU F 242 -24.66 6.16 -14.76
N ASN F 243 -23.61 5.35 -14.57
CA ASN F 243 -23.54 4.39 -13.46
C ASN F 243 -22.25 4.66 -12.69
N PRO F 244 -22.20 5.74 -11.92
CA PRO F 244 -20.96 6.08 -11.22
C PRO F 244 -20.48 5.00 -10.26
N LEU F 245 -21.40 4.33 -9.58
CA LEU F 245 -20.99 3.39 -8.53
C LEU F 245 -20.09 2.29 -9.05
N GLY F 246 -20.11 2.03 -10.35
CA GLY F 246 -19.31 0.98 -10.94
C GLY F 246 -17.90 1.38 -11.33
N ILE F 247 -17.46 2.59 -10.99
CA ILE F 247 -16.13 3.02 -11.40
C ILE F 247 -15.06 2.07 -10.89
N GLY F 248 -15.22 1.53 -9.68
CA GLY F 248 -14.24 0.60 -9.16
C GLY F 248 -14.08 -0.63 -10.03
N ASP F 249 -15.14 -1.04 -10.72
CA ASP F 249 -15.10 -2.19 -11.61
C ASP F 249 -14.72 -1.80 -13.03
N ALA F 250 -14.43 -0.52 -13.27
CA ALA F 250 -14.13 -0.02 -14.61
C ALA F 250 -12.77 -0.42 -15.12
N LYS F 251 -11.81 -0.72 -14.24
CA LYS F 251 -10.50 -1.18 -14.69
C LYS F 251 -10.54 -2.58 -15.27
N LYS F 252 -11.37 -3.46 -14.73
CA LYS F 252 -11.57 -4.78 -15.33
C LYS F 252 -12.35 -4.65 -16.62
N LYS F 253 -13.56 -4.06 -16.56
CA LYS F 253 -14.40 -3.98 -17.73
C LYS F 253 -13.64 -3.35 -18.90
N ASN F 254 -13.07 -2.17 -18.68
CA ASN F 254 -12.31 -1.54 -19.75
C ASN F 254 -11.33 -2.53 -20.36
N LYS F 255 -10.53 -3.19 -19.52
CA LYS F 255 -9.56 -4.14 -20.03
C LYS F 255 -10.21 -5.07 -21.04
N ILE F 256 -11.24 -5.81 -20.62
CA ILE F 256 -11.83 -6.79 -21.54
C ILE F 256 -12.24 -6.09 -22.82
N MET F 257 -12.95 -4.97 -22.70
CA MET F 257 -13.39 -4.26 -23.90
C MET F 257 -12.20 -4.01 -24.81
N LEU F 258 -11.14 -3.40 -24.29
CA LEU F 258 -10.00 -3.11 -25.13
C LEU F 258 -9.53 -4.36 -25.85
N CYS F 259 -9.32 -5.45 -25.12
CA CYS F 259 -8.86 -6.66 -25.78
C CYS F 259 -9.78 -7.01 -26.94
N VAL F 260 -11.09 -7.10 -26.67
CA VAL F 260 -12.03 -7.40 -27.74
C VAL F 260 -11.76 -6.49 -28.92
N ALA F 261 -11.81 -5.17 -28.69
CA ALA F 261 -11.56 -4.22 -29.77
C ALA F 261 -10.35 -4.65 -30.59
N TRP F 262 -9.20 -4.75 -29.95
CA TRP F 262 -7.98 -5.03 -30.70
C TRP F 262 -8.14 -6.30 -31.52
N PHE F 263 -8.60 -7.38 -30.88
CA PHE F 263 -8.77 -8.64 -31.59
C PHE F 263 -9.70 -8.45 -32.78
N LEU F 264 -10.83 -7.78 -32.57
CA LEU F 264 -11.78 -7.61 -33.64
C LEU F 264 -11.20 -6.76 -34.76
N SER F 265 -10.32 -5.81 -34.41
CA SER F 265 -9.70 -4.98 -35.43
C SER F 265 -8.79 -5.80 -36.31
N TYR F 266 -8.26 -6.91 -35.78
CA TYR F 266 -7.46 -7.82 -36.57
C TYR F 266 -8.29 -8.99 -37.10
N LEU F 267 -9.56 -9.10 -36.67
CA LEU F 267 -10.42 -10.15 -37.19
C LEU F 267 -11.17 -9.67 -38.42
N LEU F 268 -11.59 -8.40 -38.41
CA LEU F 268 -12.25 -7.79 -39.55
C LEU F 268 -11.28 -7.40 -40.65
N ALA F 269 -9.98 -7.38 -40.36
CA ALA F 269 -8.98 -7.00 -41.33
C ALA F 269 -8.54 -8.15 -42.22
N ILE F 270 -8.93 -9.39 -41.89
CA ILE F 270 -8.48 -10.54 -42.66
C ILE F 270 -8.87 -10.43 -44.13
N PRO F 271 -10.09 -10.01 -44.49
CA PRO F 271 -10.46 -9.95 -45.91
C PRO F 271 -9.47 -9.19 -46.78
N GLN F 272 -8.79 -8.20 -46.21
CA GLN F 272 -7.82 -7.44 -47.00
C GLN F 272 -6.81 -8.35 -47.66
N LEU F 273 -6.43 -9.44 -46.98
CA LEU F 273 -5.48 -10.37 -47.57
C LEU F 273 -6.01 -10.99 -48.86
N PHE F 274 -7.27 -11.41 -48.85
CA PHE F 274 -7.82 -12.12 -50.01
C PHE F 274 -8.13 -11.16 -51.15
N VAL F 275 -8.82 -10.06 -50.85
CA VAL F 275 -9.44 -9.25 -51.89
C VAL F 275 -8.45 -8.38 -52.66
N PHE F 276 -7.22 -8.26 -52.19
CA PHE F 276 -6.23 -7.42 -52.84
C PHE F 276 -5.27 -8.27 -53.66
N HIS F 277 -5.26 -8.06 -54.97
CA HIS F 277 -4.37 -8.76 -55.88
C HIS F 277 -3.52 -7.74 -56.64
N THR F 278 -2.24 -8.04 -56.78
CA THR F 278 -1.37 -7.24 -57.62
C THR F 278 -1.72 -7.48 -59.08
N VAL F 279 -1.81 -6.39 -59.84
CA VAL F 279 -2.28 -6.43 -61.22
C VAL F 279 -1.13 -6.10 -62.15
N SER F 280 -1.43 -6.18 -63.48
CA SER F 280 -0.42 -6.15 -64.56
C SER F 280 -0.61 -4.92 -65.45
N ARG F 281 0.08 -3.83 -65.09
CA ARG F 281 0.03 -2.56 -65.79
C ARG F 281 -1.30 -2.32 -66.51
N GLN F 289 -0.21 -0.71 -60.04
CA GLN F 289 -0.23 -0.79 -58.59
C GLN F 289 -1.02 -2.01 -58.11
N CYS F 290 -1.57 -1.92 -56.91
CA CYS F 290 -2.30 -3.01 -56.27
C CYS F 290 -3.75 -2.59 -56.08
N ALA F 291 -4.68 -3.45 -56.47
CA ALA F 291 -6.09 -3.10 -56.47
C ALA F 291 -6.93 -4.36 -56.32
N THR F 292 -8.19 -4.16 -55.99
CA THR F 292 -9.13 -5.26 -55.78
C THR F 292 -9.90 -5.64 -57.05
N VAL F 293 -9.60 -5.01 -58.19
CA VAL F 293 -10.36 -5.29 -59.41
C VAL F 293 -10.15 -6.72 -59.86
N GLY F 294 -9.04 -7.34 -59.48
CA GLY F 294 -8.74 -8.70 -59.86
C GLY F 294 -9.24 -9.76 -58.90
N SER F 295 -10.00 -9.40 -57.87
CA SER F 295 -10.44 -10.35 -56.85
C SER F 295 -11.94 -10.55 -56.84
N PHE F 296 -12.72 -9.47 -56.69
CA PHE F 296 -14.16 -9.60 -56.61
C PHE F 296 -14.74 -9.98 -57.97
N GLN F 297 -15.67 -10.94 -57.97
CA GLN F 297 -16.29 -11.39 -59.20
C GLN F 297 -17.30 -10.41 -59.76
N ALA F 298 -18.06 -9.73 -58.90
CA ALA F 298 -19.09 -8.80 -59.34
C ALA F 298 -18.95 -7.49 -58.60
N HIS F 299 -19.40 -6.41 -59.23
CA HIS F 299 -19.22 -5.08 -58.65
C HIS F 299 -19.95 -4.96 -57.31
N TRP F 300 -21.10 -5.63 -57.17
CA TRP F 300 -21.87 -5.51 -55.94
C TRP F 300 -21.12 -6.05 -54.74
N GLN F 301 -20.32 -7.11 -54.92
CA GLN F 301 -19.52 -7.60 -53.82
C GLN F 301 -18.52 -6.54 -53.34
N GLU F 302 -17.85 -5.88 -54.28
CA GLU F 302 -16.94 -4.81 -53.91
C GLU F 302 -17.69 -3.68 -53.22
N THR F 303 -18.86 -3.32 -53.73
CA THR F 303 -19.63 -2.23 -53.16
C THR F 303 -20.05 -2.56 -51.73
N ILE F 304 -20.54 -3.77 -51.49
CA ILE F 304 -20.99 -4.11 -50.15
C ILE F 304 -19.80 -4.25 -49.21
N TYR F 305 -18.63 -4.65 -49.70
CA TYR F 305 -17.46 -4.69 -48.82
C TYR F 305 -17.04 -3.29 -48.40
N ASN F 306 -16.99 -2.36 -49.36
CA ASN F 306 -16.67 -0.99 -49.01
C ASN F 306 -17.71 -0.41 -48.05
N MET F 307 -18.99 -0.74 -48.26
CA MET F 307 -20.01 -0.27 -47.34
C MET F 307 -19.91 -0.94 -45.97
N PHE F 308 -19.43 -2.18 -45.92
CA PHE F 308 -19.25 -2.83 -44.63
C PHE F 308 -18.14 -2.15 -43.83
N THR F 309 -17.03 -1.85 -44.49
CA THR F 309 -15.98 -1.10 -43.79
C THR F 309 -16.44 0.31 -43.48
N PHE F 310 -17.37 0.86 -44.28
CA PHE F 310 -18.00 2.13 -43.93
C PHE F 310 -18.75 2.02 -42.61
N PHE F 311 -19.60 1.00 -42.48
CA PHE F 311 -20.36 0.84 -41.25
C PHE F 311 -19.44 0.59 -40.06
N CYS F 312 -18.42 -0.23 -40.23
CA CYS F 312 -17.58 -0.61 -39.09
C CYS F 312 -16.57 0.46 -38.72
N LEU F 313 -16.27 1.40 -39.62
CA LEU F 313 -15.21 2.36 -39.38
C LEU F 313 -15.73 3.75 -39.05
N PHE F 314 -16.80 4.21 -39.71
CA PHE F 314 -17.33 5.55 -39.49
C PHE F 314 -18.71 5.54 -38.84
N LEU F 315 -19.67 4.86 -39.45
CA LEU F 315 -21.06 4.99 -39.02
C LEU F 315 -21.26 4.49 -37.59
N LEU F 316 -20.78 3.28 -37.30
CA LEU F 316 -21.00 2.70 -35.99
C LEU F 316 -20.30 3.50 -34.90
N PRO F 317 -19.04 3.90 -35.04
CA PRO F 317 -18.44 4.79 -34.05
C PRO F 317 -19.21 6.09 -33.87
N LEU F 318 -19.72 6.69 -34.94
CA LEU F 318 -20.47 7.93 -34.81
C LEU F 318 -21.75 7.70 -34.01
N LEU F 319 -22.47 6.62 -34.32
CA LEU F 319 -23.70 6.34 -33.60
C LEU F 319 -23.43 6.06 -32.13
N ILE F 320 -22.39 5.30 -31.82
CA ILE F 320 -22.10 5.00 -30.42
C ILE F 320 -21.65 6.25 -29.69
N MET F 321 -20.84 7.08 -30.33
CA MET F 321 -20.41 8.33 -29.72
C MET F 321 -21.60 9.22 -29.42
N VAL F 322 -22.51 9.37 -30.37
CA VAL F 322 -23.68 10.22 -30.17
C VAL F 322 -24.57 9.64 -29.08
N SER F 323 -24.79 8.33 -29.10
CA SER F 323 -25.60 7.71 -28.06
C SER F 323 -25.01 7.96 -26.68
N CYS F 324 -23.73 7.66 -26.50
CA CYS F 324 -23.10 7.80 -25.20
C CYS F 324 -23.10 9.25 -24.73
N TYR F 325 -22.74 10.17 -25.62
CA TYR F 325 -22.60 11.57 -25.20
C TYR F 325 -23.97 12.22 -24.97
N THR F 326 -24.97 11.86 -25.78
CA THR F 326 -26.30 12.40 -25.54
C THR F 326 -26.92 11.81 -24.28
N ARG F 327 -26.64 10.54 -24.00
CA ARG F 327 -27.07 9.97 -22.72
C ARG F 327 -26.42 10.71 -21.56
N ILE F 328 -25.11 11.00 -21.68
CA ILE F 328 -24.43 11.75 -20.63
C ILE F 328 -25.06 13.13 -20.46
N LEU F 329 -25.34 13.81 -21.56
CA LEU F 329 -25.89 15.16 -21.48
C LEU F 329 -27.30 15.16 -20.91
N MET F 330 -28.12 14.18 -21.26
CA MET F 330 -29.47 14.15 -20.72
C MET F 330 -29.48 13.70 -19.26
N GLU F 331 -28.49 12.90 -18.85
CA GLU F 331 -28.39 12.55 -17.44
C GLU F 331 -27.93 13.75 -16.61
N ILE F 332 -26.91 14.47 -17.09
CA ILE F 332 -26.39 15.60 -16.34
C ILE F 332 -27.39 16.74 -16.32
N SER F 333 -28.13 16.94 -17.42
CA SER F 333 -29.15 17.99 -17.43
C SER F 333 -30.37 17.61 -16.61
N HIS F 334 -30.57 16.31 -16.35
CA HIS F 334 -31.65 15.88 -15.49
C HIS F 334 -31.45 16.29 -14.04
N LYS F 335 -30.26 16.76 -13.67
CA LYS F 335 -29.97 17.13 -12.30
C LYS F 335 -29.12 18.40 -12.27
N ASN F 354 -21.57 24.76 -10.80
CA ASN F 354 -21.29 23.35 -10.53
C ASN F 354 -21.80 22.49 -11.68
N ILE F 355 -23.04 22.02 -11.59
CA ILE F 355 -23.59 21.26 -12.70
C ILE F 355 -23.81 22.14 -13.93
N PRO F 356 -24.14 23.43 -13.72
CA PRO F 356 -24.29 24.18 -14.98
C PRO F 356 -23.00 24.33 -15.75
N ARG F 357 -21.93 24.78 -15.09
CA ARG F 357 -20.63 24.87 -15.76
C ARG F 357 -20.19 23.51 -16.27
N ALA F 358 -20.47 22.48 -15.48
CA ALA F 358 -20.11 21.13 -15.88
C ALA F 358 -20.77 20.80 -17.20
N ARG F 359 -22.08 20.99 -17.28
CA ARG F 359 -22.81 20.62 -18.49
C ARG F 359 -22.41 21.49 -19.67
N MET F 360 -22.06 22.75 -19.43
CA MET F 360 -21.52 23.56 -20.52
C MET F 360 -20.23 22.95 -21.05
N ARG F 361 -19.33 22.53 -20.16
CA ARG F 361 -18.12 21.86 -20.58
C ARG F 361 -18.43 20.57 -21.31
N THR F 362 -19.41 19.83 -20.83
CA THR F 362 -19.72 18.56 -21.48
C THR F 362 -20.21 18.81 -22.88
N LEU F 363 -21.10 19.77 -23.04
CA LEU F 363 -21.63 20.07 -24.38
C LEU F 363 -20.51 20.50 -25.30
N LYS F 364 -19.61 21.37 -24.82
CA LYS F 364 -18.49 21.78 -25.66
C LYS F 364 -17.66 20.58 -26.09
N MET F 365 -17.31 19.71 -25.13
CA MET F 365 -16.47 18.56 -25.43
C MET F 365 -17.17 17.61 -26.41
N SER F 366 -18.44 17.30 -26.15
CA SER F 366 -19.16 16.37 -26.99
C SER F 366 -19.31 16.92 -28.41
N LEU F 367 -19.68 18.18 -28.52
CA LEU F 367 -19.85 18.76 -29.86
C LEU F 367 -18.53 18.81 -30.60
N VAL F 368 -17.45 19.21 -29.94
CA VAL F 368 -16.17 19.25 -30.63
C VAL F 368 -15.76 17.85 -31.06
N ILE F 369 -15.92 16.85 -30.20
CA ILE F 369 -15.51 15.50 -30.56
C ILE F 369 -16.32 15.00 -31.75
N VAL F 370 -17.64 15.11 -31.68
CA VAL F 370 -18.49 14.56 -32.73
C VAL F 370 -18.24 15.30 -34.04
N LEU F 371 -18.16 16.62 -34.00
CA LEU F 371 -18.02 17.38 -35.23
C LEU F 371 -16.63 17.27 -35.82
N THR F 372 -15.58 17.15 -34.98
CA THR F 372 -14.25 16.91 -35.51
C THR F 372 -14.18 15.55 -36.18
N PHE F 373 -14.73 14.52 -35.53
CA PHE F 373 -14.88 13.23 -36.17
C PHE F 373 -15.57 13.37 -37.53
N ILE F 374 -16.68 14.11 -37.55
CA ILE F 374 -17.49 14.23 -38.76
C ILE F 374 -16.70 14.89 -39.86
N VAL F 375 -16.07 16.03 -39.57
CA VAL F 375 -15.35 16.76 -40.61
C VAL F 375 -14.13 15.97 -41.06
N CYS F 376 -13.47 15.28 -40.14
CA CYS F 376 -12.29 14.52 -40.51
C CYS F 376 -12.64 13.39 -41.47
N TRP F 377 -13.75 12.70 -41.23
CA TRP F 377 -14.04 11.50 -42.02
C TRP F 377 -15.14 11.69 -43.07
N THR F 378 -15.72 12.88 -43.19
CA THR F 378 -16.81 13.05 -44.16
C THR F 378 -16.32 13.29 -45.58
N PRO F 379 -15.30 14.10 -45.83
CA PRO F 379 -14.82 14.22 -47.23
C PRO F 379 -14.27 12.92 -47.77
N TYR F 380 -13.47 12.25 -46.93
CA TYR F 380 -12.90 10.98 -47.31
C TYR F 380 -14.00 10.04 -47.75
N TYR F 381 -14.99 9.81 -46.88
CA TYR F 381 -16.03 8.86 -47.22
C TYR F 381 -17.00 9.42 -48.25
N LEU F 382 -17.08 10.73 -48.41
CA LEU F 382 -17.92 11.28 -49.47
C LEU F 382 -17.40 10.82 -50.83
N LEU F 383 -16.11 11.03 -51.08
CA LEU F 383 -15.50 10.45 -52.27
C LEU F 383 -15.66 8.94 -52.27
N GLY F 384 -15.57 8.32 -51.09
CA GLY F 384 -15.72 6.88 -51.02
C GLY F 384 -17.05 6.40 -51.57
N ILE F 385 -18.15 6.93 -51.05
CA ILE F 385 -19.43 6.44 -51.51
C ILE F 385 -19.62 6.84 -52.96
N TRP F 386 -19.24 8.06 -53.33
CA TRP F 386 -19.30 8.45 -54.73
C TRP F 386 -18.76 7.34 -55.61
N TYR F 387 -17.51 6.92 -55.36
CA TYR F 387 -16.91 5.91 -56.23
C TYR F 387 -17.60 4.56 -56.08
N TRP F 388 -17.90 4.15 -54.85
CA TRP F 388 -18.40 2.79 -54.65
C TRP F 388 -19.74 2.57 -55.32
N PHE F 389 -20.66 3.52 -55.19
CA PHE F 389 -21.95 3.42 -55.85
C PHE F 389 -21.94 3.95 -57.27
N SER F 390 -20.88 4.65 -57.68
CA SER F 390 -20.79 5.22 -59.02
C SER F 390 -19.33 5.28 -59.44
N PRO F 391 -18.75 4.15 -59.85
CA PRO F 391 -17.34 4.17 -60.28
C PRO F 391 -17.09 5.10 -61.45
N GLU F 392 -18.08 5.30 -62.32
CA GLU F 392 -17.84 6.05 -63.55
C GLU F 392 -17.37 7.47 -63.27
N MET F 393 -17.57 7.98 -62.06
CA MET F 393 -17.07 9.31 -61.74
C MET F 393 -15.58 9.43 -62.02
N LEU F 394 -14.85 8.32 -61.93
CA LEU F 394 -13.42 8.36 -62.20
C LEU F 394 -13.14 8.15 -63.69
N THR F 395 -13.96 7.37 -64.38
CA THR F 395 -13.73 7.15 -65.81
C THR F 395 -13.91 8.45 -66.58
N GLU F 396 -14.91 9.25 -66.21
CA GLU F 396 -15.10 10.56 -66.81
C GLU F 396 -14.23 11.64 -66.16
N GLU F 397 -13.50 11.30 -65.11
CA GLU F 397 -12.59 12.25 -64.44
C GLU F 397 -13.35 13.49 -63.98
N LYS F 398 -14.54 13.29 -63.42
CA LYS F 398 -15.31 14.42 -62.90
C LYS F 398 -14.59 15.13 -61.77
N VAL F 399 -13.94 14.38 -60.89
CA VAL F 399 -13.23 14.94 -59.75
C VAL F 399 -11.78 15.19 -60.17
N PRO F 400 -11.24 16.39 -59.96
CA PRO F 400 -9.83 16.61 -60.27
C PRO F 400 -8.94 15.87 -59.30
N PRO F 401 -7.77 15.40 -59.73
CA PRO F 401 -6.89 14.65 -58.81
C PRO F 401 -6.43 15.48 -57.62
N SER F 402 -6.38 16.81 -57.76
CA SER F 402 -6.01 17.64 -56.62
C SER F 402 -7.03 17.50 -55.50
N LEU F 403 -8.32 17.52 -55.84
CA LEU F 403 -9.35 17.40 -54.82
C LEU F 403 -9.26 16.06 -54.09
N SER F 404 -9.13 14.97 -54.83
CA SER F 404 -8.98 13.66 -54.19
C SER F 404 -7.75 13.64 -53.31
N HIS F 405 -6.63 14.15 -53.84
CA HIS F 405 -5.36 14.07 -53.13
C HIS F 405 -5.44 14.81 -51.80
N ILE F 406 -6.05 15.99 -51.80
CA ILE F 406 -6.19 16.76 -50.57
C ILE F 406 -7.19 16.09 -49.64
N LEU F 407 -8.33 15.65 -50.17
CA LEU F 407 -9.41 15.17 -49.32
C LEU F 407 -9.03 13.91 -48.57
N PHE F 408 -8.31 13.01 -49.21
CA PHE F 408 -8.01 11.74 -48.56
C PHE F 408 -7.12 11.94 -47.31
N LEU F 409 -6.49 13.10 -47.18
CA LEU F 409 -5.64 13.34 -46.02
C LEU F 409 -6.46 13.60 -44.76
N PHE F 410 -7.72 13.99 -44.93
CA PHE F 410 -8.57 14.24 -43.76
C PHE F 410 -8.67 13.01 -42.87
N GLY F 411 -8.50 11.82 -43.44
CA GLY F 411 -8.51 10.62 -42.61
C GLY F 411 -7.34 10.60 -41.64
N LEU F 412 -6.15 10.91 -42.13
CA LEU F 412 -4.98 10.96 -41.25
C LEU F 412 -5.04 12.16 -40.32
N LEU F 413 -5.81 13.19 -40.69
CA LEU F 413 -5.92 14.37 -39.84
C LEU F 413 -6.37 13.97 -38.43
N ASN F 414 -7.24 12.98 -38.33
CA ASN F 414 -7.67 12.49 -37.03
C ASN F 414 -6.54 11.88 -36.23
N THR F 415 -5.53 11.32 -36.91
CA THR F 415 -4.38 10.78 -36.18
C THR F 415 -3.73 11.85 -35.31
N CYS F 416 -3.53 13.05 -35.85
CA CYS F 416 -2.94 14.11 -35.05
C CYS F 416 -3.96 14.75 -34.11
N LEU F 417 -5.24 14.81 -34.51
CA LEU F 417 -6.21 15.44 -33.62
C LEU F 417 -6.60 14.59 -32.42
N ASP F 418 -6.46 13.27 -32.49
CA ASP F 418 -6.90 12.43 -31.38
C ASP F 418 -6.13 12.72 -30.09
N PRO F 419 -4.80 12.76 -30.09
CA PRO F 419 -4.10 13.08 -28.84
C PRO F 419 -4.50 14.40 -28.23
N ILE F 420 -4.71 15.43 -29.06
CA ILE F 420 -5.05 16.73 -28.50
C ILE F 420 -6.45 16.71 -27.90
N ILE F 421 -7.39 16.00 -28.56
CA ILE F 421 -8.77 15.98 -28.07
C ILE F 421 -8.86 15.20 -26.77
N TYR F 422 -8.27 14.01 -26.72
CA TYR F 422 -8.45 13.13 -25.57
C TYR F 422 -7.36 13.28 -24.51
N GLY F 423 -6.35 14.12 -24.74
CA GLY F 423 -5.27 14.28 -23.78
C GLY F 423 -5.22 15.65 -23.14
N LEU F 424 -5.57 16.68 -23.91
CA LEU F 424 -5.56 18.05 -23.41
C LEU F 424 -4.19 18.40 -22.83
#